data_1SZF
#
_entry.id   1SZF
#
_cell.length_a   163.413
_cell.length_b   163.413
_cell.length_c   112.425
_cell.angle_alpha   90.00
_cell.angle_beta   90.00
_cell.angle_gamma   120.00
#
_symmetry.space_group_name_H-M   'P 32 2 1'
#
loop_
_entity.id
_entity.type
_entity.pdbx_description
1 polymer 'Cytochrome b2, mitochondrial'
2 non-polymer 'FLAVIN MONONUCLEOTIDE'
3 non-polymer 'PYRUVIC ACID'
4 water water
#
_entity_poly.entity_id   1
_entity_poly.type   'polypeptide(L)'
_entity_poly.pdbx_seq_one_letter_code
;EPKLDMNKQKISPAEVAKHNKPDDCWVVINGYVYDLTRFLPNHPGGQDVIKFNAGKDVTAIFEPLHAPNVIDKYIAPEKK
LGPLQGSMPPELVCPPYAPGETKEDIARKEQLKSLLPPLDNIINLYDFEYLASQTLTKQAWAYYSSGANDEVTHRENHNA
YHRIFFKPKILVDVRKVDISTDMLGSHVDVPFYVSATGLCKLGNPLEGEKDVARGCGQGVTKVPQMISTAASCSPEEIIE
AAPSDKQIQWYQLYVNSDRKITDDLVKNVEKLGVKALFVTVDAPSLGQREKDMKLKFSNTKAGPKAMKKTNVEESQGASR
ALSKFIDPSLTWKDIEELKKKTKLPIVIKGVQRTEDVIKAAEIGVSGVVLSNHGGRQLDFSRAPIEVLAETMPILEQRNL
KDKLEVFVDGGVRRGTDVLKALCLGAKGVGLGRPFLYANSCYGRNGVEKAIEILRDEIEMSMRLLGVTSIAELKPDLLDL
STLKARTVGVPNDVLYNEVYEGPTLTEFEDA
;
_entity_poly.pdbx_strand_id   A,B
#
# COMPACT_ATOMS: atom_id res chain seq x y z
N GLY A 100 0.51 -23.24 -29.52
CA GLY A 100 -0.91 -23.68 -29.68
C GLY A 100 -1.87 -22.58 -30.11
N GLU A 101 -1.44 -21.77 -31.08
CA GLU A 101 -2.18 -20.59 -31.54
C GLU A 101 -3.17 -20.92 -32.68
N THR A 102 -4.32 -20.23 -32.69
CA THR A 102 -5.55 -20.73 -33.30
C THR A 102 -6.15 -19.95 -34.49
N LYS A 103 -5.49 -18.85 -34.91
CA LYS A 103 -6.17 -17.86 -35.77
C LYS A 103 -7.41 -17.37 -34.97
N GLU A 104 -7.10 -16.40 -34.12
CA GLU A 104 -7.55 -16.26 -32.72
C GLU A 104 -6.32 -15.49 -32.24
N ASP A 105 -5.21 -15.86 -32.87
CA ASP A 105 -4.16 -14.94 -33.30
C ASP A 105 -4.71 -13.56 -33.73
N ILE A 106 -5.87 -13.55 -34.39
CA ILE A 106 -6.51 -12.33 -34.88
C ILE A 106 -7.40 -11.66 -33.84
N ALA A 107 -8.03 -12.45 -32.96
CA ALA A 107 -8.72 -11.90 -31.78
C ALA A 107 -7.75 -11.03 -30.94
N ARG A 108 -6.48 -11.43 -30.90
CA ARG A 108 -5.43 -10.70 -30.19
C ARG A 108 -4.89 -9.52 -30.99
N LYS A 109 -4.90 -9.64 -32.32
CA LYS A 109 -4.47 -8.54 -33.18
C LYS A 109 -5.45 -7.38 -33.06
N GLU A 110 -6.73 -7.72 -32.90
CA GLU A 110 -7.79 -6.75 -32.66
C GLU A 110 -7.59 -6.01 -31.33
N GLN A 111 -7.22 -6.77 -30.31
CA GLN A 111 -6.92 -6.22 -29.00
C GLN A 111 -5.69 -5.35 -29.01
N LEU A 112 -4.65 -5.82 -29.68
CA LEU A 112 -3.43 -5.04 -29.92
C LEU A 112 -3.86 -3.75 -30.64
N LYS A 113 -4.56 -3.91 -31.78
CA LYS A 113 -5.14 -2.79 -32.51
C LYS A 113 -5.62 -1.80 -31.47
N SER A 114 -5.11 -0.58 -31.54
CA SER A 114 -5.13 0.34 -30.39
C SER A 114 -6.51 0.40 -29.70
N LEU A 115 -7.08 -0.81 -29.57
CA LEU A 115 -7.94 -1.20 -28.45
C LEU A 115 -7.07 -1.17 -27.20
N LEU A 116 -5.77 -1.41 -27.37
CA LEU A 116 -4.81 -1.06 -26.34
C LEU A 116 -5.03 0.41 -26.02
N PRO A 117 -5.26 0.74 -24.75
CA PRO A 117 -5.59 2.11 -24.36
C PRO A 117 -4.35 2.97 -24.51
N PRO A 118 -4.49 4.28 -24.57
CA PRO A 118 -3.32 5.17 -24.65
C PRO A 118 -2.34 4.90 -23.51
N LEU A 119 -1.05 4.98 -23.81
CA LEU A 119 0.00 4.78 -22.82
C LEU A 119 -0.19 5.67 -21.58
N ASP A 120 -0.61 6.92 -21.81
CA ASP A 120 -0.91 7.88 -20.75
C ASP A 120 -2.00 7.42 -19.78
N ASN A 121 -2.80 6.44 -20.18
CA ASN A 121 -3.84 5.91 -19.31
C ASN A 121 -3.41 4.76 -18.39
N ILE A 122 -2.14 4.37 -18.46
CA ILE A 122 -1.58 3.31 -17.62
C ILE A 122 -1.20 3.85 -16.23
N ILE A 123 -1.85 3.33 -15.20
CA ILE A 123 -1.74 3.84 -13.85
C ILE A 123 -0.60 3.17 -13.07
N ASN A 124 -0.53 1.84 -13.18
CA ASN A 124 0.43 1.07 -12.41
C ASN A 124 0.97 -0.12 -13.21
N LEU A 125 1.94 -0.83 -12.64
CA LEU A 125 2.59 -1.92 -13.33
C LEU A 125 1.65 -3.10 -13.61
N TYR A 126 0.65 -3.28 -12.75
CA TYR A 126 -0.35 -4.32 -12.98
C TYR A 126 -1.13 -4.14 -14.29
N ASP A 127 -1.31 -2.90 -14.74
CA ASP A 127 -1.99 -2.66 -16.01
C ASP A 127 -1.26 -3.28 -17.19
N PHE A 128 0.05 -3.11 -17.22
CA PHE A 128 0.84 -3.71 -18.28
C PHE A 128 0.63 -5.22 -18.21
N GLU A 129 0.67 -5.78 -17.01
CA GLU A 129 0.49 -7.21 -16.85
C GLU A 129 -0.84 -7.70 -17.46
N TYR A 130 -1.94 -7.04 -17.14
CA TYR A 130 -3.25 -7.46 -17.60
C TYR A 130 -3.36 -7.45 -19.13
N LEU A 131 -3.00 -6.30 -19.70
CA LEU A 131 -2.93 -6.10 -21.14
C LEU A 131 -2.11 -7.16 -21.86
N ALA A 132 -0.89 -7.42 -21.37
CA ALA A 132 -0.02 -8.45 -21.91
C ALA A 132 -0.72 -9.81 -21.88
N SER A 133 -1.42 -10.10 -20.78
CA SER A 133 -2.07 -11.40 -20.59
C SER A 133 -3.16 -11.66 -21.64
N GLN A 134 -3.75 -10.58 -22.14
CA GLN A 134 -4.78 -10.67 -23.18
C GLN A 134 -4.19 -10.64 -24.60
N THR A 135 -3.03 -10.01 -24.78
CA THR A 135 -2.47 -9.81 -26.12
C THR A 135 -1.31 -10.71 -26.50
N LEU A 136 -0.58 -11.26 -25.53
CA LEU A 136 0.56 -12.10 -25.89
C LEU A 136 0.16 -13.46 -26.47
N THR A 137 1.09 -14.02 -27.23
CA THR A 137 1.06 -15.39 -27.67
C THR A 137 0.91 -16.30 -26.45
N LYS A 138 0.12 -17.36 -26.56
CA LYS A 138 -0.02 -18.33 -25.47
C LYS A 138 1.34 -18.74 -24.92
N GLN A 139 2.31 -18.91 -25.80
CA GLN A 139 3.64 -19.35 -25.41
C GLN A 139 4.46 -18.20 -24.82
N ALA A 140 4.30 -17.00 -25.37
CA ALA A 140 4.95 -15.84 -24.83
C ALA A 140 4.47 -15.61 -23.39
N TRP A 141 3.16 -15.71 -23.18
CA TRP A 141 2.58 -15.58 -21.85
C TRP A 141 2.98 -16.73 -20.89
N ALA A 142 3.12 -17.93 -21.42
CA ALA A 142 3.52 -19.06 -20.60
C ALA A 142 4.94 -18.84 -20.10
N TYR A 143 5.81 -18.43 -21.00
CA TYR A 143 7.23 -18.36 -20.71
C TYR A 143 7.54 -17.22 -19.73
N TYR A 144 6.89 -16.08 -19.93
CA TYR A 144 7.13 -14.89 -19.13
C TYR A 144 6.57 -14.99 -17.71
N SER A 145 5.35 -15.51 -17.61
CA SER A 145 4.55 -15.44 -16.41
C SER A 145 4.68 -16.68 -15.51
N SER A 146 5.31 -17.73 -16.00
CA SER A 146 5.33 -18.97 -15.24
C SER A 146 6.40 -18.98 -14.17
N GLY A 147 6.18 -19.81 -13.15
CA GLY A 147 7.16 -20.06 -12.12
C GLY A 147 7.33 -21.56 -12.03
N ALA A 148 8.20 -21.97 -11.12
CA ALA A 148 8.53 -23.38 -10.92
C ALA A 148 7.47 -24.11 -10.11
N ASN A 149 7.17 -25.34 -10.54
CA ASN A 149 6.22 -26.21 -9.87
C ASN A 149 4.92 -25.49 -9.46
N ASP A 150 4.62 -25.40 -8.16
CA ASP A 150 3.35 -24.84 -7.69
C ASP A 150 3.32 -23.31 -7.61
N GLU A 151 4.47 -22.69 -7.87
CA GLU A 151 4.62 -21.26 -8.00
C GLU A 151 4.44 -20.53 -6.67
N VAL A 152 4.70 -21.22 -5.57
CA VAL A 152 4.52 -20.54 -4.28
C VAL A 152 5.61 -19.50 -4.02
N THR A 153 6.87 -19.82 -4.36
CA THR A 153 7.96 -18.83 -4.18
C THR A 153 7.70 -17.59 -5.04
N HIS A 154 7.24 -17.82 -6.27
CA HIS A 154 6.91 -16.74 -7.17
C HIS A 154 5.96 -15.76 -6.49
N ARG A 155 4.88 -16.26 -5.91
CA ARG A 155 3.88 -15.38 -5.29
C ARG A 155 4.36 -14.84 -3.94
N GLU A 156 5.06 -15.68 -3.18
CA GLU A 156 5.60 -15.32 -1.86
C GLU A 156 6.65 -14.19 -1.92
N ASN A 157 7.45 -14.20 -2.99
CA ASN A 157 8.31 -13.05 -3.30
C ASN A 157 7.57 -11.70 -3.12
N HIS A 158 6.38 -11.60 -3.70
CA HIS A 158 5.59 -10.37 -3.63
C HIS A 158 4.91 -10.18 -2.27
N ASN A 159 4.25 -11.23 -1.78
CA ASN A 159 3.46 -11.12 -0.58
C ASN A 159 4.26 -10.79 0.67
N ALA A 160 5.51 -11.23 0.72
CA ALA A 160 6.33 -10.99 1.90
C ALA A 160 6.55 -9.50 2.14
N TYR A 161 6.51 -8.70 1.09
CA TYR A 161 6.56 -7.25 1.24
C TYR A 161 5.44 -6.76 2.16
N HIS A 162 4.34 -7.50 2.17
CA HIS A 162 3.13 -7.09 2.88
C HIS A 162 3.17 -7.47 4.35
N ARG A 163 4.19 -8.21 4.76
CA ARG A 163 4.44 -8.46 6.15
C ARG A 163 5.16 -7.29 6.81
N ILE A 164 5.54 -6.30 6.00
CA ILE A 164 6.27 -5.13 6.48
C ILE A 164 5.38 -3.89 6.34
N PHE A 165 5.26 -3.15 7.43
CA PHE A 165 4.53 -1.89 7.41
C PHE A 165 5.51 -0.73 7.69
N PHE A 166 5.00 0.49 7.57
CA PHE A 166 5.80 1.69 7.72
C PHE A 166 5.58 2.38 9.05
N LYS A 167 6.58 3.16 9.45
CA LYS A 167 6.52 4.04 10.61
C LYS A 167 6.92 5.42 10.13
N PRO A 168 6.01 6.09 9.43
CA PRO A 168 6.35 7.35 8.75
C PRO A 168 6.55 8.53 9.68
N LYS A 169 7.57 9.34 9.38
CA LYS A 169 7.82 10.61 10.04
C LYS A 169 6.90 11.68 9.47
N ILE A 170 6.36 12.49 10.36
CA ILE A 170 5.44 13.56 10.03
C ILE A 170 6.08 14.93 10.35
N LEU A 171 5.54 16.01 9.78
CA LEU A 171 6.09 17.37 10.00
C LEU A 171 7.60 17.49 9.69
N VAL A 172 7.98 16.95 8.54
CA VAL A 172 9.32 17.04 8.00
C VAL A 172 9.23 17.81 6.69
N ASP A 173 10.28 18.58 6.38
CA ASP A 173 10.32 19.32 5.13
C ASP A 173 10.61 18.34 3.99
N VAL A 174 9.58 18.08 3.19
CA VAL A 174 9.66 17.09 2.11
C VAL A 174 9.29 17.72 0.76
N ARG A 175 9.59 19.01 0.63
CA ARG A 175 9.44 19.73 -0.64
C ARG A 175 10.29 19.08 -1.74
N LYS A 176 11.57 18.88 -1.46
CA LYS A 176 12.50 18.29 -2.42
C LYS A 176 12.82 16.87 -1.98
N VAL A 177 12.71 15.94 -2.92
CA VAL A 177 13.01 14.53 -2.66
C VAL A 177 14.00 14.06 -3.74
N ASP A 178 15.05 13.36 -3.32
CA ASP A 178 16.01 12.83 -4.28
C ASP A 178 16.16 11.30 -4.21
N ILE A 179 15.84 10.64 -5.32
CA ILE A 179 15.83 9.17 -5.39
C ILE A 179 17.01 8.56 -6.15
N SER A 180 18.05 9.34 -6.38
CA SER A 180 19.26 8.84 -7.04
C SER A 180 20.21 8.23 -6.01
N THR A 181 21.09 7.37 -6.47
CA THR A 181 22.00 6.66 -5.58
C THR A 181 23.18 6.15 -6.39
N ASP A 182 23.97 5.25 -5.81
CA ASP A 182 25.06 4.66 -6.56
C ASP A 182 24.94 3.14 -6.54
N MET A 183 25.25 2.53 -7.68
CA MET A 183 25.29 1.07 -7.78
C MET A 183 26.57 0.68 -8.49
N LEU A 184 27.35 -0.19 -7.84
CA LEU A 184 28.51 -0.80 -8.45
C LEU A 184 29.44 0.25 -9.08
N GLY A 185 29.69 1.32 -8.33
CA GLY A 185 30.59 2.38 -8.77
C GLY A 185 30.04 3.46 -9.68
N SER A 186 28.87 3.22 -10.29
CA SER A 186 28.21 4.23 -11.13
C SER A 186 27.20 5.03 -10.32
N HIS A 187 26.94 6.27 -10.75
CA HIS A 187 25.85 7.06 -10.19
C HIS A 187 24.61 6.78 -11.01
N VAL A 188 23.49 6.62 -10.32
CA VAL A 188 22.27 6.10 -10.90
C VAL A 188 21.12 7.07 -10.57
N ASP A 189 20.21 7.30 -11.52
CA ASP A 189 19.07 8.19 -11.32
C ASP A 189 18.03 7.68 -10.34
N VAL A 190 18.11 6.39 -10.00
CA VAL A 190 16.96 5.68 -9.50
C VAL A 190 17.46 4.47 -8.70
N PRO A 191 16.74 4.02 -7.68
CA PRO A 191 17.24 2.91 -6.85
C PRO A 191 16.78 1.54 -7.33
N PHE A 192 16.21 1.50 -8.53
CA PHE A 192 15.80 0.24 -9.14
C PHE A 192 16.49 -0.02 -10.49
N TYR A 193 16.40 -1.26 -10.95
CA TYR A 193 16.98 -1.66 -12.23
C TYR A 193 16.16 -2.74 -12.93
N VAL A 194 16.37 -2.87 -14.23
CA VAL A 194 15.73 -3.88 -15.06
C VAL A 194 16.55 -5.15 -14.99
N SER A 195 15.97 -6.22 -14.48
CA SER A 195 16.69 -7.47 -14.28
C SER A 195 16.78 -8.26 -15.57
N ALA A 196 17.77 -9.14 -15.66
CA ALA A 196 17.95 -9.98 -16.85
C ALA A 196 16.76 -10.90 -17.10
N THR A 197 16.34 -10.91 -18.35
CA THR A 197 15.19 -11.66 -18.77
C THR A 197 15.49 -12.18 -20.17
N GLY A 198 15.18 -13.44 -20.43
CA GLY A 198 15.35 -13.96 -21.78
C GLY A 198 14.24 -13.64 -22.77
N LEU A 199 14.56 -13.82 -24.06
CA LEU A 199 13.58 -13.89 -25.16
C LEU A 199 12.54 -12.79 -25.28
N CYS A 200 13.01 -11.53 -25.34
CA CYS A 200 12.11 -10.39 -25.48
C CYS A 200 11.42 -10.30 -26.83
N LYS A 201 11.93 -11.01 -27.83
CA LYS A 201 11.31 -10.97 -29.14
C LYS A 201 9.98 -11.73 -29.18
N LEU A 202 9.74 -12.58 -28.18
CA LEU A 202 8.45 -13.25 -28.06
C LEU A 202 7.32 -12.25 -27.85
N GLY A 203 7.62 -11.17 -27.13
CA GLY A 203 6.64 -10.14 -26.81
C GLY A 203 6.79 -8.88 -27.64
N ASN A 204 8.03 -8.57 -28.02
CA ASN A 204 8.34 -7.48 -28.94
C ASN A 204 9.14 -8.01 -30.15
N PRO A 205 8.43 -8.63 -31.10
CA PRO A 205 9.08 -9.30 -32.25
C PRO A 205 10.06 -8.44 -33.04
N LEU A 206 9.71 -7.17 -33.27
CA LEU A 206 10.55 -6.28 -34.06
C LEU A 206 11.83 -5.81 -33.37
N GLU A 207 11.78 -5.54 -32.08
CA GLU A 207 12.90 -4.88 -31.41
C GLU A 207 13.48 -5.60 -30.20
N GLY A 208 12.65 -6.40 -29.54
CA GLY A 208 13.08 -7.16 -28.38
C GLY A 208 13.81 -6.34 -27.32
N GLU A 209 15.02 -6.77 -26.99
CA GLU A 209 15.78 -6.17 -25.90
C GLU A 209 16.31 -4.78 -26.24
N LYS A 210 16.41 -4.47 -27.53
CA LYS A 210 16.86 -3.16 -27.94
C LYS A 210 15.87 -2.08 -27.51
N ASP A 211 14.60 -2.46 -27.41
CA ASP A 211 13.58 -1.53 -26.95
C ASP A 211 13.66 -1.32 -25.45
N VAL A 212 14.26 -2.25 -24.73
CA VAL A 212 14.38 -1.99 -23.31
C VAL A 212 15.59 -1.11 -23.05
N ALA A 213 16.66 -1.28 -23.82
CA ALA A 213 17.80 -0.35 -23.77
C ALA A 213 17.35 1.10 -24.08
N ARG A 214 16.48 1.23 -25.07
CA ARG A 214 15.91 2.50 -25.46
C ARG A 214 15.07 3.10 -24.35
N GLY A 215 14.14 2.32 -23.81
CA GLY A 215 13.26 2.78 -22.76
C GLY A 215 14.01 3.15 -21.50
N CYS A 216 15.07 2.39 -21.21
CA CYS A 216 15.93 2.64 -20.06
C CYS A 216 16.77 3.90 -20.17
N GLY A 217 17.07 4.34 -21.39
CA GLY A 217 18.01 5.43 -21.57
C GLY A 217 17.53 6.64 -22.36
N GLN A 218 16.32 6.57 -22.89
CA GLN A 218 15.83 7.68 -23.68
C GLN A 218 15.38 8.91 -22.89
N GLY A 219 14.73 8.71 -21.75
CA GLY A 219 14.04 9.80 -21.07
C GLY A 219 14.85 10.63 -20.09
N VAL A 220 14.18 11.51 -19.36
CA VAL A 220 14.86 12.31 -18.34
C VAL A 220 15.38 11.44 -17.19
N THR A 221 14.73 10.30 -16.95
CA THR A 221 15.13 9.36 -15.90
C THR A 221 15.67 8.07 -16.53
N LYS A 222 16.97 7.82 -16.35
CA LYS A 222 17.58 6.57 -16.83
C LYS A 222 17.71 5.52 -15.75
N VAL A 223 17.53 4.27 -16.17
CA VAL A 223 17.54 3.10 -15.31
C VAL A 223 18.61 2.14 -15.83
N PRO A 224 19.39 1.54 -14.92
CA PRO A 224 20.35 0.49 -15.29
C PRO A 224 19.65 -0.72 -15.93
N GLN A 225 20.30 -1.32 -16.92
CA GLN A 225 19.73 -2.48 -17.59
C GLN A 225 20.67 -3.68 -17.49
N MET A 226 20.15 -4.81 -17.04
CA MET A 226 20.91 -6.05 -17.01
C MET A 226 20.57 -6.86 -18.24
N ILE A 227 21.55 -7.00 -19.14
CA ILE A 227 21.39 -7.73 -20.39
C ILE A 227 21.50 -9.22 -20.11
N SER A 228 20.54 -9.97 -20.63
CA SER A 228 20.51 -11.41 -20.41
C SER A 228 21.26 -12.19 -21.46
N THR A 229 21.94 -13.24 -21.00
CA THR A 229 22.53 -14.25 -21.87
C THR A 229 21.47 -14.91 -22.79
N ALA A 230 20.23 -15.02 -22.30
CA ALA A 230 19.13 -15.62 -23.08
C ALA A 230 18.35 -14.59 -23.88
N ALA A 231 18.99 -13.48 -24.19
CA ALA A 231 18.38 -12.42 -24.98
C ALA A 231 18.25 -12.88 -26.44
N SER A 232 17.16 -12.45 -27.09
CA SER A 232 16.96 -12.69 -28.51
C SER A 232 17.99 -11.90 -29.31
N CYS A 233 18.20 -10.63 -28.95
CA CYS A 233 19.22 -9.82 -29.60
C CYS A 233 20.60 -10.08 -29.01
N SER A 234 21.64 -9.70 -29.75
CA SER A 234 23.01 -9.84 -29.30
C SER A 234 23.43 -8.69 -28.36
N PRO A 235 24.41 -8.92 -27.49
CA PRO A 235 24.92 -7.83 -26.63
C PRO A 235 25.36 -6.61 -27.43
N GLU A 236 26.01 -6.82 -28.59
CA GLU A 236 26.42 -5.68 -29.43
C GLU A 236 25.21 -4.86 -29.93
N GLU A 237 24.19 -5.55 -30.42
CA GLU A 237 22.95 -4.88 -30.82
C GLU A 237 22.30 -4.09 -29.68
N ILE A 238 22.34 -4.65 -28.47
CA ILE A 238 21.62 -4.06 -27.34
C ILE A 238 22.38 -2.86 -26.82
N ILE A 239 23.70 -2.97 -26.82
CA ILE A 239 24.53 -1.88 -26.34
C ILE A 239 24.52 -0.69 -27.30
N GLU A 240 24.55 -0.94 -28.60
CA GLU A 240 24.52 0.19 -29.51
C GLU A 240 23.15 0.84 -29.62
N ALA A 241 22.10 0.11 -29.27
CA ALA A 241 20.76 0.70 -29.19
C ALA A 241 20.61 1.71 -28.03
N ALA A 242 21.50 1.65 -27.03
CA ALA A 242 21.49 2.60 -25.90
C ALA A 242 21.54 4.05 -26.40
N PRO A 243 20.51 4.84 -26.12
CA PRO A 243 20.50 6.25 -26.54
C PRO A 243 21.32 7.22 -25.69
N SER A 244 21.84 6.82 -24.52
CA SER A 244 22.73 7.70 -23.71
C SER A 244 24.07 7.08 -23.41
N ASP A 245 25.11 7.90 -23.54
CA ASP A 245 26.41 7.63 -22.98
C ASP A 245 26.37 7.47 -21.45
N LYS A 246 25.36 8.04 -20.79
CA LYS A 246 25.28 8.04 -19.33
C LYS A 246 24.54 6.81 -18.77
N GLN A 247 23.71 6.19 -19.60
CA GLN A 247 22.90 5.06 -19.18
C GLN A 247 23.78 3.86 -18.92
N ILE A 248 23.49 3.14 -17.86
CA ILE A 248 24.38 2.04 -17.53
C ILE A 248 23.77 0.69 -17.92
N GLN A 249 24.62 -0.18 -18.45
CA GLN A 249 24.22 -1.50 -18.89
C GLN A 249 25.12 -2.53 -18.24
N TRP A 250 24.50 -3.54 -17.63
CA TRP A 250 25.24 -4.60 -16.97
C TRP A 250 25.07 -5.82 -17.78
N TYR A 251 25.89 -6.82 -17.48
CA TYR A 251 25.80 -8.07 -18.19
C TYR A 251 25.51 -9.29 -17.29
N GLN A 252 24.50 -10.05 -17.66
CA GLN A 252 24.19 -11.27 -16.93
C GLN A 252 24.82 -12.49 -17.58
N LEU A 253 25.58 -13.23 -16.79
CA LEU A 253 26.40 -14.32 -17.32
C LEU A 253 25.95 -15.68 -16.80
N TYR A 254 25.86 -16.63 -17.72
CA TYR A 254 25.87 -18.04 -17.35
C TYR A 254 27.26 -18.58 -17.72
N VAL A 255 27.96 -19.17 -16.76
CA VAL A 255 29.22 -19.78 -17.14
C VAL A 255 28.98 -21.11 -17.84
N ASN A 256 29.55 -21.26 -19.04
CA ASN A 256 29.37 -22.44 -19.88
C ASN A 256 30.24 -23.57 -19.33
N SER A 257 29.86 -24.81 -19.63
CA SER A 257 30.69 -25.94 -19.30
C SER A 257 32.04 -25.82 -20.03
N ASP A 258 31.97 -25.26 -21.23
CA ASP A 258 33.14 -24.91 -22.03
C ASP A 258 33.54 -23.51 -21.63
N ARG A 259 34.55 -23.40 -20.78
CA ARG A 259 34.93 -22.11 -20.20
C ARG A 259 35.60 -21.16 -21.20
N LYS A 260 36.03 -21.68 -22.35
CA LYS A 260 36.53 -20.80 -23.41
C LYS A 260 35.44 -19.88 -23.91
N ILE A 261 34.25 -20.42 -24.12
CA ILE A 261 33.13 -19.61 -24.56
C ILE A 261 32.89 -18.47 -23.56
N THR A 262 32.92 -18.79 -22.27
CA THR A 262 32.71 -17.79 -21.22
C THR A 262 33.85 -16.78 -21.15
N ASP A 263 35.08 -17.25 -21.34
CA ASP A 263 36.24 -16.38 -21.38
C ASP A 263 36.11 -15.36 -22.54
N ASP A 264 35.73 -15.85 -23.72
CA ASP A 264 35.47 -14.98 -24.87
C ASP A 264 34.36 -13.99 -24.58
N LEU A 265 33.30 -14.48 -23.96
CA LEU A 265 32.13 -13.68 -23.71
C LEU A 265 32.43 -12.54 -22.75
N VAL A 266 33.15 -12.86 -21.67
CA VAL A 266 33.52 -11.84 -20.70
C VAL A 266 34.39 -10.76 -21.35
N LYS A 267 35.38 -11.17 -22.15
CA LYS A 267 36.25 -10.23 -22.87
C LYS A 267 35.45 -9.35 -23.83
N ASN A 268 34.57 -9.99 -24.60
CA ASN A 268 33.71 -9.28 -25.55
C ASN A 268 32.86 -8.20 -24.86
N VAL A 269 32.23 -8.54 -23.74
CA VAL A 269 31.36 -7.57 -23.07
C VAL A 269 32.09 -6.45 -22.30
N GLU A 270 33.31 -6.67 -21.79
CA GLU A 270 34.06 -5.52 -21.26
C GLU A 270 34.50 -4.57 -22.38
N LYS A 271 34.84 -5.12 -23.53
CA LYS A 271 35.16 -4.33 -24.70
C LYS A 271 33.98 -3.42 -25.04
N LEU A 272 32.79 -4.01 -25.13
CA LEU A 272 31.58 -3.27 -25.50
C LEU A 272 31.12 -2.29 -24.41
N GLY A 273 31.73 -2.36 -23.23
CA GLY A 273 31.56 -1.34 -22.22
C GLY A 273 30.46 -1.54 -21.18
N VAL A 274 29.98 -2.77 -20.98
CA VAL A 274 29.11 -3.05 -19.83
C VAL A 274 29.86 -2.75 -18.53
N LYS A 275 29.13 -2.46 -17.46
CA LYS A 275 29.77 -1.92 -16.27
C LYS A 275 29.86 -2.89 -15.11
N ALA A 276 29.28 -4.09 -15.27
CA ALA A 276 29.35 -5.15 -14.26
C ALA A 276 28.96 -6.53 -14.80
N LEU A 277 29.44 -7.58 -14.13
CA LEU A 277 29.01 -8.95 -14.43
C LEU A 277 28.13 -9.50 -13.31
N PHE A 278 26.95 -9.95 -13.69
CA PHE A 278 26.08 -10.68 -12.79
C PHE A 278 26.15 -12.16 -13.15
N VAL A 279 26.84 -12.94 -12.33
CA VAL A 279 26.91 -14.39 -12.57
C VAL A 279 25.73 -15.07 -11.89
N THR A 280 24.95 -15.79 -12.69
CA THR A 280 23.75 -16.43 -12.19
C THR A 280 24.08 -17.81 -11.64
N VAL A 281 23.77 -18.02 -10.37
CA VAL A 281 24.19 -19.23 -9.66
C VAL A 281 23.01 -20.06 -9.15
N ASP A 282 21.79 -19.63 -9.46
CA ASP A 282 20.60 -20.35 -9.01
C ASP A 282 19.92 -21.19 -10.08
N ALA A 283 20.63 -21.53 -11.15
CA ALA A 283 20.02 -22.34 -12.21
C ALA A 283 20.92 -23.44 -12.76
N PRO A 284 21.68 -24.13 -11.91
CA PRO A 284 22.52 -25.26 -12.37
C PRO A 284 21.66 -26.30 -13.08
N SER A 285 20.45 -26.52 -12.57
CA SER A 285 19.43 -27.25 -13.29
C SER A 285 18.28 -26.30 -13.61
N LEU A 286 17.60 -26.53 -14.74
CA LEU A 286 16.48 -25.69 -15.18
C LEU A 286 15.21 -25.97 -14.38
N GLY A 287 14.66 -24.93 -13.74
CA GLY A 287 13.39 -25.04 -13.04
C GLY A 287 12.26 -25.54 -13.93
N GLN A 288 11.42 -26.39 -13.38
CA GLN A 288 10.32 -26.96 -14.13
C GLN A 288 9.12 -26.00 -14.08
N ARG A 289 8.82 -25.40 -15.23
CA ARG A 289 7.77 -24.39 -15.33
C ARG A 289 6.58 -25.01 -16.05
N GLU A 290 5.63 -25.49 -15.27
CA GLU A 290 4.60 -26.39 -15.79
C GLU A 290 3.56 -25.76 -16.73
N LYS A 291 3.37 -24.43 -16.68
CA LYS A 291 2.47 -23.77 -17.62
C LYS A 291 3.00 -23.93 -19.06
N ASP A 292 4.32 -23.76 -19.19
CA ASP A 292 5.06 -23.95 -20.43
C ASP A 292 4.94 -25.35 -20.99
N MET A 293 5.12 -26.34 -20.12
CA MET A 293 5.07 -27.74 -20.52
C MET A 293 3.69 -28.19 -20.94
N LYS A 294 2.66 -27.76 -20.21
CA LYS A 294 1.26 -28.05 -20.53
C LYS A 294 0.99 -27.72 -21.99
N LEU A 295 1.62 -26.64 -22.43
CA LEU A 295 1.38 -26.06 -23.75
C LEU A 295 2.01 -26.88 -24.87
N LYS A 296 3.23 -27.36 -24.67
CA LYS A 296 3.88 -28.24 -25.64
C LYS A 296 3.15 -29.59 -25.70
N PHE A 297 3.12 -30.30 -24.56
CA PHE A 297 2.39 -31.57 -24.41
C PHE A 297 0.92 -31.35 -24.68
N SER A 298 0.48 -31.68 -25.89
CA SER A 298 -0.89 -31.43 -26.29
C SER A 298 -1.05 -29.95 -26.60
N ASN A 299 -0.60 -29.58 -27.80
CA ASN A 299 -0.63 -28.21 -28.29
C ASN A 299 0.54 -27.95 -29.23
N GLY A 317 15.38 -39.22 -18.31
CA GLY A 317 14.95 -37.95 -17.75
C GLY A 317 15.73 -37.52 -16.51
N ALA A 318 15.55 -36.25 -16.13
CA ALA A 318 16.25 -35.58 -15.02
C ALA A 318 17.53 -34.85 -15.45
N SER A 319 18.42 -35.57 -16.14
CA SER A 319 19.62 -34.97 -16.73
C SER A 319 19.27 -34.16 -17.99
N ARG A 320 18.00 -34.21 -18.39
CA ARG A 320 17.49 -33.37 -19.47
C ARG A 320 17.33 -31.90 -19.05
N ALA A 321 17.24 -31.65 -17.73
CA ALA A 321 17.16 -30.29 -17.20
C ALA A 321 18.57 -29.72 -16.94
N LEU A 322 19.59 -30.54 -17.20
CA LEU A 322 20.97 -30.10 -17.33
C LEU A 322 21.31 -29.69 -18.76
N SER A 323 22.25 -28.75 -18.89
CA SER A 323 22.66 -28.21 -20.18
C SER A 323 24.11 -27.73 -20.10
N LYS A 324 24.88 -28.00 -21.16
CA LYS A 324 26.26 -27.52 -21.29
C LYS A 324 26.34 -26.00 -21.22
N PHE A 325 25.26 -25.34 -21.65
CA PHE A 325 25.10 -23.90 -21.63
C PHE A 325 25.22 -23.27 -20.21
N ILE A 326 24.68 -23.95 -19.19
CA ILE A 326 24.78 -23.51 -17.80
C ILE A 326 25.48 -24.60 -16.98
N ASP A 327 26.73 -24.36 -16.61
CA ASP A 327 27.55 -25.39 -15.99
C ASP A 327 27.09 -25.69 -14.55
N PRO A 328 26.59 -26.91 -14.30
CA PRO A 328 26.14 -27.31 -12.96
C PRO A 328 27.28 -27.47 -11.95
N SER A 329 28.51 -27.54 -12.43
CA SER A 329 29.68 -27.75 -11.58
C SER A 329 30.27 -26.43 -11.07
N LEU A 330 29.64 -25.31 -11.42
CA LEU A 330 30.11 -24.00 -11.02
C LEU A 330 30.34 -23.95 -9.52
N THR A 331 31.38 -23.27 -9.09
CA THR A 331 31.90 -23.42 -7.73
C THR A 331 32.49 -22.10 -7.22
N TRP A 332 32.57 -21.92 -5.91
CA TRP A 332 33.21 -20.73 -5.33
C TRP A 332 34.62 -20.44 -5.90
N LYS A 333 35.38 -21.50 -6.15
CA LYS A 333 36.70 -21.38 -6.75
C LYS A 333 36.61 -20.72 -8.15
N ASP A 334 35.65 -21.13 -8.97
CA ASP A 334 35.44 -20.49 -10.28
C ASP A 334 35.17 -18.99 -10.20
N ILE A 335 34.44 -18.53 -9.19
CA ILE A 335 34.18 -17.10 -9.09
C ILE A 335 35.48 -16.39 -8.73
N GLU A 336 36.27 -16.99 -7.84
CA GLU A 336 37.57 -16.44 -7.46
C GLU A 336 38.48 -16.30 -8.67
N GLU A 337 38.45 -17.31 -9.54
CA GLU A 337 39.19 -17.28 -10.80
C GLU A 337 38.65 -16.23 -11.77
N LEU A 338 37.33 -16.18 -11.96
CA LEU A 338 36.71 -15.17 -12.81
C LEU A 338 37.16 -13.77 -12.37
N LYS A 339 37.21 -13.56 -11.05
CA LYS A 339 37.64 -12.29 -10.47
C LYS A 339 39.00 -11.76 -10.93
N LYS A 340 39.96 -12.68 -11.12
CA LYS A 340 41.29 -12.35 -11.61
C LYS A 340 41.30 -12.01 -13.12
N LYS A 341 40.39 -12.62 -13.88
CA LYS A 341 40.39 -12.50 -15.33
C LYS A 341 39.62 -11.27 -15.84
N THR A 342 39.09 -10.45 -14.94
CA THR A 342 38.36 -9.27 -15.37
C THR A 342 38.41 -8.15 -14.36
N LYS A 343 38.39 -6.92 -14.86
CA LYS A 343 38.41 -5.74 -14.02
C LYS A 343 36.99 -5.28 -13.74
N LEU A 344 36.01 -5.96 -14.33
CA LEU A 344 34.60 -5.64 -14.08
C LEU A 344 34.19 -6.09 -12.69
N PRO A 345 33.43 -5.25 -11.99
CA PRO A 345 32.85 -5.67 -10.71
C PRO A 345 31.90 -6.85 -10.95
N ILE A 346 32.02 -7.86 -10.11
CA ILE A 346 31.25 -9.08 -10.22
C ILE A 346 30.23 -9.17 -9.12
N VAL A 347 29.00 -9.53 -9.50
CA VAL A 347 27.91 -9.74 -8.57
C VAL A 347 27.39 -11.16 -8.72
N ILE A 348 27.22 -11.84 -7.59
CA ILE A 348 26.68 -13.19 -7.58
C ILE A 348 25.15 -13.12 -7.54
N LYS A 349 24.51 -13.55 -8.62
CA LYS A 349 23.06 -13.47 -8.73
C LYS A 349 22.35 -14.80 -8.42
N GLY A 350 21.56 -14.79 -7.34
CA GLY A 350 20.75 -15.94 -6.99
C GLY A 350 21.10 -16.50 -5.63
N VAL A 351 21.53 -15.63 -4.73
CA VAL A 351 21.88 -16.04 -3.38
C VAL A 351 20.60 -16.14 -2.55
N GLN A 352 20.44 -17.24 -1.81
CA GLN A 352 19.18 -17.54 -1.14
C GLN A 352 19.33 -17.83 0.37
N ARG A 353 20.51 -17.53 0.91
CA ARG A 353 20.79 -17.71 2.33
C ARG A 353 21.94 -16.82 2.76
N THR A 354 21.89 -16.41 4.03
CA THR A 354 22.89 -15.53 4.61
C THR A 354 24.31 -16.12 4.56
N GLU A 355 24.43 -17.43 4.72
CA GLU A 355 25.74 -18.06 4.76
C GLU A 355 26.50 -17.81 3.45
N ASP A 356 25.77 -17.83 2.33
CA ASP A 356 26.37 -17.52 1.03
C ASP A 356 26.65 -16.03 0.80
N VAL A 357 25.95 -15.16 1.50
CA VAL A 357 26.27 -13.74 1.42
C VAL A 357 27.61 -13.52 2.08
N ILE A 358 27.81 -14.19 3.21
CA ILE A 358 29.07 -14.11 3.93
C ILE A 358 30.24 -14.68 3.10
N LYS A 359 30.04 -15.85 2.49
CA LYS A 359 31.05 -16.42 1.60
C LYS A 359 31.41 -15.46 0.46
N ALA A 360 30.42 -14.75 -0.06
CA ALA A 360 30.64 -13.80 -1.15
C ALA A 360 31.57 -12.67 -0.70
N ALA A 361 31.29 -12.12 0.48
CA ALA A 361 32.15 -11.11 1.09
C ALA A 361 33.58 -11.64 1.27
N GLU A 362 33.68 -12.91 1.68
CA GLU A 362 34.97 -13.51 1.98
C GLU A 362 35.88 -13.61 0.74
N ILE A 363 35.29 -13.98 -0.41
CA ILE A 363 36.04 -14.00 -1.66
C ILE A 363 36.18 -12.59 -2.30
N GLY A 364 35.64 -11.58 -1.64
CA GLY A 364 35.84 -10.19 -2.04
C GLY A 364 35.22 -9.76 -3.36
N VAL A 365 34.12 -10.40 -3.73
CA VAL A 365 33.34 -10.03 -4.91
C VAL A 365 32.61 -8.69 -4.61
N SER A 366 32.01 -8.03 -5.59
CA SER A 366 31.49 -6.66 -5.35
C SER A 366 30.09 -6.64 -4.75
N GLY A 367 29.30 -7.65 -5.08
CA GLY A 367 27.95 -7.72 -4.61
C GLY A 367 27.33 -9.06 -4.82
N VAL A 368 26.04 -9.09 -4.50
CA VAL A 368 25.23 -10.28 -4.39
C VAL A 368 23.82 -9.83 -4.77
N VAL A 369 23.09 -10.63 -5.52
CA VAL A 369 21.65 -10.38 -5.65
C VAL A 369 20.95 -11.47 -4.87
N LEU A 370 20.25 -11.07 -3.81
CA LEU A 370 19.34 -11.97 -3.11
C LEU A 370 18.15 -12.19 -4.03
N SER A 371 18.05 -13.40 -4.58
CA SER A 371 17.14 -13.65 -5.66
C SER A 371 16.91 -15.14 -5.75
N ASN A 372 15.71 -15.52 -6.16
CA ASN A 372 15.38 -16.91 -6.45
C ASN A 372 14.91 -17.07 -7.91
N HIS A 373 15.36 -16.16 -8.76
CA HIS A 373 15.12 -16.21 -10.20
C HIS A 373 13.64 -15.97 -10.55
N GLY A 374 12.97 -15.13 -9.77
CA GLY A 374 11.54 -14.88 -9.94
C GLY A 374 10.65 -16.08 -9.69
N GLY A 375 11.03 -16.94 -8.75
CA GLY A 375 10.27 -18.14 -8.47
C GLY A 375 10.30 -19.15 -9.60
N ARG A 376 11.34 -19.10 -10.41
CA ARG A 376 11.40 -19.96 -11.60
C ARG A 376 12.32 -21.16 -11.40
N GLN A 377 12.96 -21.23 -10.25
CA GLN A 377 13.95 -22.26 -10.00
C GLN A 377 13.52 -23.17 -8.84
N LEU A 378 14.00 -22.91 -7.63
CA LEU A 378 13.57 -23.71 -6.48
C LEU A 378 12.26 -23.18 -5.92
N ASP A 379 11.23 -24.02 -5.84
CA ASP A 379 10.02 -23.63 -5.11
C ASP A 379 10.26 -23.84 -3.63
N PHE A 380 9.69 -22.95 -2.83
CA PHE A 380 9.96 -22.87 -1.38
C PHE A 380 11.33 -22.33 -1.04
N SER A 381 11.96 -21.66 -2.00
CA SER A 381 12.98 -20.70 -1.64
C SER A 381 12.22 -19.52 -1.03
N ARG A 382 12.84 -18.84 -0.07
CA ARG A 382 12.19 -17.75 0.65
C ARG A 382 12.13 -16.48 -0.17
N ALA A 383 11.21 -15.60 0.20
CA ALA A 383 11.20 -14.24 -0.32
C ALA A 383 12.52 -13.58 0.00
N PRO A 384 13.22 -13.10 -1.03
CA PRO A 384 14.46 -12.32 -0.83
C PRO A 384 14.31 -11.14 0.12
N ILE A 385 13.12 -10.56 0.23
CA ILE A 385 12.93 -9.49 1.20
C ILE A 385 13.17 -9.97 2.64
N GLU A 386 12.77 -11.19 3.00
CA GLU A 386 13.11 -11.64 4.34
C GLU A 386 14.55 -12.14 4.51
N VAL A 387 15.14 -12.68 3.45
CA VAL A 387 16.56 -13.01 3.49
C VAL A 387 17.37 -11.73 3.73
N LEU A 388 16.96 -10.66 3.06
CA LEU A 388 17.54 -9.34 3.24
C LEU A 388 17.47 -8.87 4.69
N ALA A 389 16.31 -9.01 5.30
CA ALA A 389 16.06 -8.50 6.65
C ALA A 389 16.92 -9.24 7.67
N GLU A 390 17.20 -10.51 7.39
CA GLU A 390 18.05 -11.31 8.24
C GLU A 390 19.54 -11.05 7.93
N THR A 391 19.86 -10.84 6.66
CA THR A 391 21.24 -10.73 6.23
C THR A 391 21.93 -9.43 6.66
N MET A 392 21.29 -8.29 6.42
CA MET A 392 21.91 -7.01 6.69
C MET A 392 22.42 -6.80 8.13
N PRO A 393 21.62 -7.07 9.17
CA PRO A 393 22.13 -6.95 10.54
C PRO A 393 23.36 -7.83 10.74
N ILE A 394 23.31 -9.08 10.29
CA ILE A 394 24.46 -9.97 10.40
C ILE A 394 25.69 -9.43 9.65
N LEU A 395 25.49 -8.68 8.58
CA LEU A 395 26.62 -8.05 7.90
C LEU A 395 27.24 -6.97 8.78
N GLU A 396 26.41 -6.12 9.37
CA GLU A 396 26.87 -5.05 10.30
C GLU A 396 27.48 -5.58 11.60
N GLN A 397 27.09 -6.80 12.00
CA GLN A 397 27.70 -7.50 13.14
C GLN A 397 29.12 -7.98 12.87
N ARG A 398 29.64 -7.75 11.66
CA ARG A 398 31.02 -8.12 11.33
C ARG A 398 31.69 -7.18 10.30
N ASN A 399 31.28 -5.92 10.32
CA ASN A 399 31.90 -4.85 9.52
C ASN A 399 31.70 -4.96 8.01
N LEU A 400 31.00 -6.00 7.57
CA LEU A 400 30.94 -6.35 6.16
C LEU A 400 29.95 -5.52 5.34
N LYS A 401 29.16 -4.66 5.99
CA LYS A 401 28.06 -3.99 5.30
C LYS A 401 28.48 -3.15 4.09
N ASP A 402 29.49 -2.30 4.27
CA ASP A 402 29.89 -1.39 3.20
C ASP A 402 30.96 -1.99 2.27
N LYS A 403 31.10 -3.32 2.30
CA LYS A 403 32.12 -3.96 1.47
C LYS A 403 31.52 -4.93 0.43
N LEU A 404 30.22 -5.16 0.58
CA LEU A 404 29.45 -5.98 -0.36
C LEU A 404 28.15 -5.26 -0.61
N GLU A 405 27.83 -4.99 -1.87
CA GLU A 405 26.58 -4.33 -2.23
C GLU A 405 25.51 -5.40 -2.37
N VAL A 406 24.37 -5.21 -1.71
CA VAL A 406 23.34 -6.25 -1.69
C VAL A 406 22.07 -5.87 -2.44
N PHE A 407 21.86 -6.50 -3.59
CA PHE A 407 20.65 -6.23 -4.38
C PHE A 407 19.62 -7.27 -4.08
N VAL A 408 18.38 -6.95 -4.40
CA VAL A 408 17.25 -7.83 -4.14
C VAL A 408 16.31 -7.79 -5.34
N ASP A 409 15.67 -8.92 -5.65
CA ASP A 409 14.65 -8.94 -6.70
C ASP A 409 13.55 -9.99 -6.47
N GLY A 410 12.50 -9.93 -7.27
CA GLY A 410 11.38 -10.84 -7.16
C GLY A 410 10.16 -10.22 -6.50
N GLY A 411 9.08 -10.07 -7.26
CA GLY A 411 7.79 -9.70 -6.73
C GLY A 411 7.61 -8.23 -6.44
N VAL A 412 8.52 -7.41 -6.95
CA VAL A 412 8.48 -5.97 -6.74
C VAL A 412 7.55 -5.36 -7.77
N ARG A 413 6.53 -4.66 -7.30
CA ARG A 413 5.50 -4.13 -8.19
C ARG A 413 5.09 -2.69 -7.87
N ARG A 414 5.41 -2.26 -6.65
CA ARG A 414 5.06 -0.93 -6.16
C ARG A 414 6.29 -0.23 -5.63
N GLY A 415 6.24 1.10 -5.61
CA GLY A 415 7.31 1.90 -5.04
C GLY A 415 7.50 1.62 -3.55
N THR A 416 6.42 1.32 -2.83
CA THR A 416 6.55 1.00 -1.42
C THR A 416 7.36 -0.28 -1.21
N ASP A 417 7.33 -1.19 -2.20
CA ASP A 417 8.15 -2.39 -2.14
C ASP A 417 9.62 -2.02 -2.26
N VAL A 418 9.93 -1.19 -3.25
CA VAL A 418 11.29 -0.71 -3.47
C VAL A 418 11.78 -0.07 -2.18
N LEU A 419 10.94 0.78 -1.60
CA LEU A 419 11.28 1.50 -0.39
C LEU A 419 11.56 0.58 0.78
N LYS A 420 10.77 -0.49 0.91
CA LYS A 420 10.96 -1.43 2.00
C LYS A 420 12.35 -2.09 1.90
N ALA A 421 12.74 -2.49 0.70
CA ALA A 421 14.03 -3.13 0.47
C ALA A 421 15.19 -2.18 0.73
N LEU A 422 15.00 -0.91 0.38
CA LEU A 422 16.05 0.07 0.56
C LEU A 422 16.27 0.36 2.05
N CYS A 423 15.17 0.54 2.80
CA CYS A 423 15.24 0.69 4.25
C CYS A 423 15.94 -0.49 4.94
N LEU A 424 15.88 -1.68 4.35
CA LEU A 424 16.57 -2.82 4.97
C LEU A 424 18.03 -2.89 4.57
N GLY A 425 18.46 -2.03 3.64
CA GLY A 425 19.86 -1.96 3.27
C GLY A 425 20.26 -2.45 1.90
N ALA A 426 19.30 -2.80 1.05
CA ALA A 426 19.61 -3.15 -0.33
C ALA A 426 20.21 -1.94 -1.04
N LYS A 427 21.19 -2.20 -1.89
CA LYS A 427 21.74 -1.14 -2.70
C LYS A 427 20.77 -0.79 -3.83
N GLY A 428 20.07 -1.79 -4.34
CA GLY A 428 19.15 -1.58 -5.45
C GLY A 428 18.16 -2.72 -5.57
N VAL A 429 17.03 -2.47 -6.24
CA VAL A 429 16.04 -3.52 -6.40
C VAL A 429 15.65 -3.72 -7.85
N GLY A 430 15.66 -4.97 -8.29
CA GLY A 430 15.43 -5.35 -9.66
C GLY A 430 14.01 -5.81 -9.91
N LEU A 431 13.52 -5.52 -11.12
CA LEU A 431 12.26 -6.02 -11.59
C LEU A 431 12.46 -6.74 -12.93
N GLY A 432 11.83 -7.90 -13.08
CA GLY A 432 11.86 -8.64 -14.31
C GLY A 432 10.58 -8.50 -15.11
N ARG A 433 9.59 -9.30 -14.73
CA ARG A 433 8.35 -9.39 -15.49
C ARG A 433 7.68 -8.06 -15.86
N PRO A 434 7.57 -7.10 -14.93
CA PRO A 434 6.88 -5.83 -15.23
C PRO A 434 7.47 -5.08 -16.43
N PHE A 435 8.78 -5.17 -16.64
CA PHE A 435 9.36 -4.52 -17.83
C PHE A 435 9.09 -5.32 -19.10
N LEU A 436 8.96 -6.63 -18.97
CA LEU A 436 8.63 -7.48 -20.10
C LEU A 436 7.23 -7.19 -20.58
N TYR A 437 6.31 -7.04 -19.65
CA TYR A 437 4.92 -6.76 -19.99
C TYR A 437 4.78 -5.38 -20.63
N ALA A 438 5.48 -4.39 -20.07
CA ALA A 438 5.48 -3.04 -20.63
C ALA A 438 6.06 -3.04 -22.05
N ASN A 439 7.18 -3.73 -22.23
CA ASN A 439 7.82 -3.83 -23.54
C ASN A 439 6.95 -4.59 -24.55
N SER A 440 6.30 -5.65 -24.09
CA SER A 440 5.47 -6.48 -24.94
C SER A 440 4.21 -5.76 -25.43
N CYS A 441 3.74 -4.76 -24.69
CA CYS A 441 2.53 -4.02 -25.07
C CYS A 441 2.81 -2.70 -25.79
N TYR A 442 3.89 -2.02 -25.39
CA TYR A 442 4.15 -0.68 -25.88
C TYR A 442 5.61 -0.43 -26.25
N GLY A 443 6.42 -1.48 -26.30
CA GLY A 443 7.79 -1.34 -26.72
C GLY A 443 8.54 -0.34 -25.86
N ARG A 444 9.45 0.41 -26.48
CA ARG A 444 10.35 1.32 -25.77
C ARG A 444 9.67 2.37 -24.90
N ASN A 445 8.53 2.89 -25.34
CA ASN A 445 7.78 3.86 -24.55
C ASN A 445 7.04 3.23 -23.37
N GLY A 446 6.68 1.95 -23.52
CA GLY A 446 6.12 1.19 -22.42
C GLY A 446 7.13 1.08 -21.30
N VAL A 447 8.36 0.73 -21.66
CA VAL A 447 9.44 0.61 -20.68
C VAL A 447 9.61 1.95 -19.98
N GLU A 448 9.73 3.03 -20.76
CA GLU A 448 9.92 4.33 -20.14
C GLU A 448 8.77 4.70 -19.20
N LYS A 449 7.54 4.39 -19.61
CA LYS A 449 6.37 4.66 -18.78
C LYS A 449 6.41 3.88 -17.46
N ALA A 450 6.80 2.61 -17.56
CA ALA A 450 6.96 1.78 -16.40
C ALA A 450 7.95 2.44 -15.45
N ILE A 451 9.04 2.97 -16.02
CA ILE A 451 10.06 3.66 -15.24
C ILE A 451 9.50 4.89 -14.56
N GLU A 452 8.66 5.64 -15.27
CA GLU A 452 8.05 6.84 -14.70
C GLU A 452 7.00 6.52 -13.64
N ILE A 453 6.19 5.48 -13.87
CA ILE A 453 5.21 5.02 -12.90
C ILE A 453 5.89 4.72 -11.57
N LEU A 454 7.00 3.99 -11.65
CA LEU A 454 7.73 3.51 -10.48
C LEU A 454 8.51 4.63 -9.78
N ARG A 455 9.15 5.49 -10.58
CA ARG A 455 9.86 6.66 -10.05
C ARG A 455 8.92 7.51 -9.22
N ASP A 456 7.76 7.81 -9.80
CA ASP A 456 6.76 8.64 -9.13
C ASP A 456 6.23 8.01 -7.84
N GLU A 457 5.98 6.69 -7.88
CA GLU A 457 5.51 5.96 -6.71
C GLU A 457 6.54 6.03 -5.57
N ILE A 458 7.82 5.97 -5.93
CA ILE A 458 8.91 6.04 -4.95
C ILE A 458 8.99 7.44 -4.36
N GLU A 459 8.85 8.44 -5.21
CA GLU A 459 8.90 9.85 -4.79
C GLU A 459 7.77 10.20 -3.84
N MET A 460 6.55 9.84 -4.23
CA MET A 460 5.33 10.03 -3.42
C MET A 460 5.48 9.47 -2.02
N SER A 461 5.94 8.24 -1.97
CA SER A 461 5.94 7.50 -0.72
C SER A 461 7.08 7.90 0.19
N MET A 462 8.16 8.44 -0.39
CA MET A 462 9.25 9.01 0.38
C MET A 462 8.79 10.27 1.12
N ARG A 463 8.06 11.12 0.42
CA ARG A 463 7.49 12.31 1.03
C ARG A 463 6.65 11.89 2.23
N LEU A 464 5.75 10.93 2.00
CA LEU A 464 4.80 10.48 3.01
C LEU A 464 5.52 9.71 4.12
N LEU A 465 6.61 9.05 3.78
CA LEU A 465 7.47 8.45 4.79
C LEU A 465 8.19 9.50 5.64
N GLY A 466 8.42 10.67 5.06
CA GLY A 466 9.12 11.76 5.73
C GLY A 466 10.64 11.74 5.58
N VAL A 467 11.12 11.21 4.46
CA VAL A 467 12.55 11.26 4.11
C VAL A 467 12.76 11.90 2.73
N THR A 468 13.98 12.33 2.45
CA THR A 468 14.23 13.14 1.25
C THR A 468 15.35 12.62 0.37
N SER A 469 16.06 11.59 0.82
CA SER A 469 17.10 10.95 0.03
C SER A 469 17.18 9.43 0.28
N ILE A 470 17.87 8.69 -0.60
CA ILE A 470 18.00 7.24 -0.49
C ILE A 470 18.79 6.83 0.76
N ALA A 471 19.80 7.63 1.08
CA ALA A 471 20.61 7.42 2.28
C ALA A 471 19.79 7.54 3.59
N GLU A 472 18.67 8.26 3.54
CA GLU A 472 17.84 8.46 4.72
C GLU A 472 16.87 7.29 4.98
N LEU A 473 16.75 6.39 4.01
CA LEU A 473 15.87 5.25 4.13
C LEU A 473 16.56 4.23 5.00
N LYS A 474 16.03 4.02 6.20
CA LYS A 474 16.69 3.21 7.21
C LYS A 474 15.70 2.28 7.91
N PRO A 475 16.20 1.24 8.58
CA PRO A 475 15.36 0.23 9.24
C PRO A 475 14.29 0.78 10.19
N ASP A 476 14.56 1.88 10.88
CA ASP A 476 13.60 2.39 11.84
C ASP A 476 12.41 3.15 11.23
N LEU A 477 12.34 3.15 9.90
CA LEU A 477 11.18 3.65 9.17
C LEU A 477 10.19 2.53 8.97
N LEU A 478 10.62 1.31 9.27
CA LEU A 478 9.81 0.12 9.08
C LEU A 478 9.30 -0.48 10.39
N ASP A 479 8.11 -1.03 10.32
CA ASP A 479 7.62 -1.89 11.36
C ASP A 479 7.88 -3.34 10.94
N LEU A 480 8.88 -3.96 11.58
CA LEU A 480 9.33 -5.31 11.26
C LEU A 480 8.82 -6.37 12.22
N SER A 481 7.93 -5.99 13.11
CA SER A 481 7.44 -6.90 14.15
C SER A 481 6.64 -8.12 13.62
N THR A 482 5.99 -7.99 12.47
CA THR A 482 5.24 -9.12 11.88
C THR A 482 5.87 -9.71 10.62
N LEU A 483 7.15 -9.38 10.38
CA LEU A 483 7.92 -9.89 9.25
C LEU A 483 7.91 -11.42 9.17
N LYS A 484 7.80 -12.07 10.33
CA LYS A 484 7.82 -13.54 10.39
C LYS A 484 6.46 -14.23 10.35
N ALA A 485 5.38 -13.46 10.27
CA ALA A 485 4.03 -14.01 10.23
C ALA A 485 3.66 -14.59 8.85
N ARG A 486 4.43 -15.60 8.45
CA ARG A 486 4.24 -16.34 7.22
C ARG A 486 3.49 -17.58 7.66
N THR A 487 2.19 -17.62 7.37
CA THR A 487 1.29 -18.60 7.99
C THR A 487 0.62 -19.53 6.97
N VAL A 488 0.26 -20.72 7.43
CA VAL A 488 -0.61 -21.62 6.68
C VAL A 488 -1.80 -21.96 7.58
N GLY A 489 -3.00 -21.50 7.17
CA GLY A 489 -4.22 -21.76 7.91
C GLY A 489 -4.50 -23.25 7.99
N VAL A 490 -5.19 -23.67 9.05
CA VAL A 490 -5.72 -25.03 9.09
C VAL A 490 -6.80 -25.06 8.03
N PRO A 491 -7.00 -26.19 7.37
CA PRO A 491 -7.92 -26.23 6.23
C PRO A 491 -9.30 -25.84 6.72
N ASN A 492 -10.08 -25.08 5.98
CA ASN A 492 -11.34 -24.86 6.62
C ASN A 492 -12.46 -25.85 6.56
N ASP A 493 -13.43 -25.61 7.43
CA ASP A 493 -14.49 -26.53 7.71
C ASP A 493 -15.54 -26.33 6.63
N VAL A 494 -15.46 -27.11 5.56
CA VAL A 494 -16.33 -26.88 4.43
C VAL A 494 -17.82 -27.05 4.78
N LEU A 495 -18.17 -28.06 5.59
CA LEU A 495 -19.57 -28.22 6.00
C LEU A 495 -20.08 -27.04 6.81
N TYR A 496 -19.32 -26.65 7.84
CA TYR A 496 -19.68 -25.51 8.65
C TYR A 496 -19.89 -24.26 7.79
N ASN A 497 -18.93 -23.96 6.92
CA ASN A 497 -19.00 -22.73 6.11
C ASN A 497 -20.09 -22.80 5.05
N GLU A 498 -20.40 -24.01 4.57
CA GLU A 498 -21.38 -24.21 3.53
C GLU A 498 -22.78 -23.89 4.05
N VAL A 499 -23.16 -24.48 5.19
CA VAL A 499 -24.48 -24.21 5.76
C VAL A 499 -24.57 -22.82 6.35
N TYR A 500 -23.46 -22.27 6.82
CA TYR A 500 -23.49 -20.93 7.40
C TYR A 500 -23.93 -19.87 6.37
N GLU A 501 -24.90 -19.04 6.76
CA GLU A 501 -25.30 -17.88 5.95
C GLU A 501 -24.94 -16.57 6.64
N GLY A 502 -24.18 -15.75 5.93
CA GLY A 502 -23.71 -14.48 6.47
C GLY A 502 -24.78 -13.42 6.58
N PRO A 503 -24.50 -12.38 7.36
CA PRO A 503 -25.31 -11.18 7.35
C PRO A 503 -25.55 -10.66 5.93
N THR A 504 -26.46 -9.70 5.82
CA THR A 504 -26.95 -9.24 4.54
C THR A 504 -27.17 -7.71 4.63
N LEU A 505 -26.98 -7.00 3.52
CA LEU A 505 -27.29 -5.57 3.47
C LEU A 505 -28.75 -5.32 3.09
N THR A 506 -29.36 -4.24 3.60
CA THR A 506 -30.74 -3.89 3.22
C THR A 506 -30.83 -3.63 1.73
N GLU A 507 -31.99 -3.95 1.15
CA GLU A 507 -32.05 -4.30 -0.25
C GLU A 507 -32.38 -3.27 -1.35
N PHE A 508 -33.14 -2.21 -1.02
CA PHE A 508 -33.86 -1.38 -2.02
C PHE A 508 -35.23 -2.00 -2.24
N GLU A 509 -36.24 -1.16 -2.43
CA GLU A 509 -37.63 -1.62 -2.53
C GLU A 509 -37.99 -2.39 -3.80
N ASP A 510 -37.51 -1.94 -4.95
CA ASP A 510 -37.88 -2.55 -6.23
C ASP A 510 -39.37 -2.39 -6.52
N ALA A 511 -39.73 -1.41 -7.36
CA ALA A 511 -41.12 -1.09 -7.66
C ALA A 511 -41.53 -1.55 -9.06
CA GLY B 100 -18.53 7.71 -17.59
C GLY B 100 -19.51 8.81 -17.19
N GLU B 101 -20.74 8.37 -16.85
CA GLU B 101 -21.96 9.19 -16.56
C GLU B 101 -22.88 9.28 -17.80
N THR B 102 -23.62 8.19 -18.05
CA THR B 102 -24.14 7.83 -19.38
C THR B 102 -25.65 7.91 -19.66
N LYS B 103 -26.38 8.89 -19.09
CA LYS B 103 -27.85 8.94 -19.28
C LYS B 103 -28.52 7.63 -18.78
N GLU B 104 -27.71 6.56 -18.71
CA GLU B 104 -27.86 5.43 -17.78
C GLU B 104 -28.37 5.88 -16.40
N ASP B 105 -27.77 6.97 -15.89
CA ASP B 105 -28.00 7.50 -14.53
C ASP B 105 -29.43 7.93 -14.18
N ILE B 106 -30.41 7.51 -14.98
CA ILE B 106 -31.80 7.55 -14.52
C ILE B 106 -32.12 6.22 -13.83
N ALA B 107 -31.35 5.18 -14.17
CA ALA B 107 -31.36 3.93 -13.40
C ALA B 107 -30.98 4.28 -11.96
N ARG B 108 -30.02 5.19 -11.81
CA ARG B 108 -29.64 5.73 -10.51
C ARG B 108 -30.80 6.51 -9.89
N LYS B 109 -31.31 7.51 -10.60
CA LYS B 109 -32.43 8.33 -10.12
C LYS B 109 -33.66 7.51 -9.71
N GLU B 110 -33.86 6.37 -10.37
CA GLU B 110 -34.86 5.37 -9.97
C GLU B 110 -34.50 4.71 -8.63
N GLN B 111 -33.21 4.39 -8.44
CA GLN B 111 -32.74 3.81 -7.19
C GLN B 111 -32.99 4.75 -6.02
N LEU B 112 -32.47 5.99 -6.10
CA LEU B 112 -32.63 6.93 -5.01
C LEU B 112 -34.08 7.39 -4.85
N LYS B 113 -34.89 7.15 -5.90
CA LYS B 113 -36.35 7.33 -5.86
C LYS B 113 -36.85 6.58 -4.67
N SER B 114 -38.08 6.89 -4.26
CA SER B 114 -38.80 6.13 -3.23
C SER B 114 -38.38 4.65 -3.08
N LEU B 115 -37.62 4.15 -4.08
CA LEU B 115 -36.91 2.86 -4.01
C LEU B 115 -35.91 2.72 -2.84
N LEU B 116 -35.25 3.80 -2.41
CA LEU B 116 -34.50 3.78 -1.16
C LEU B 116 -35.43 3.34 -0.04
N PRO B 117 -34.99 2.43 0.83
CA PRO B 117 -35.86 1.93 1.90
C PRO B 117 -36.07 3.01 2.95
N PRO B 118 -37.16 2.93 3.72
CA PRO B 118 -37.42 3.92 4.77
C PRO B 118 -36.21 4.04 5.70
N LEU B 119 -35.83 5.26 6.03
CA LEU B 119 -34.72 5.50 6.94
C LEU B 119 -34.73 4.57 8.15
N ASP B 120 -35.91 4.28 8.69
CA ASP B 120 -36.01 3.49 9.93
C ASP B 120 -35.75 1.99 9.77
N ASN B 121 -35.62 1.56 8.52
CA ASN B 121 -35.20 0.20 8.17
C ASN B 121 -33.67 0.04 8.10
N ILE B 122 -32.94 1.13 8.31
CA ILE B 122 -31.48 1.07 8.26
C ILE B 122 -30.95 0.57 9.60
N ILE B 123 -30.19 -0.52 9.53
CA ILE B 123 -29.74 -1.24 10.73
C ILE B 123 -28.34 -0.86 11.21
N ASN B 124 -27.41 -0.72 10.27
CA ASN B 124 -26.03 -0.41 10.60
C ASN B 124 -25.41 0.52 9.56
N LEU B 125 -24.16 0.88 9.79
CA LEU B 125 -23.48 1.82 8.92
C LEU B 125 -23.15 1.26 7.51
N TYR B 126 -23.03 -0.06 7.39
CA TYR B 126 -22.77 -0.67 6.09
C TYR B 126 -23.95 -0.56 5.13
N ASP B 127 -25.16 -0.48 5.67
CA ASP B 127 -26.37 -0.33 4.88
C ASP B 127 -26.31 1.01 4.13
N PHE B 128 -25.91 2.05 4.85
CA PHE B 128 -25.71 3.36 4.28
C PHE B 128 -24.71 3.28 3.13
N GLU B 129 -23.59 2.60 3.36
CA GLU B 129 -22.53 2.43 2.38
C GLU B 129 -23.04 1.70 1.14
N TYR B 130 -23.80 0.62 1.33
CA TYR B 130 -24.32 -0.14 0.22
C TYR B 130 -25.21 0.71 -0.68
N LEU B 131 -26.24 1.32 -0.07
CA LEU B 131 -27.16 2.21 -0.76
C LEU B 131 -26.40 3.33 -1.50
N ALA B 132 -25.43 3.94 -0.82
CA ALA B 132 -24.64 5.00 -1.45
C ALA B 132 -23.90 4.50 -2.67
N SER B 133 -23.43 3.24 -2.61
CA SER B 133 -22.67 2.66 -3.71
C SER B 133 -23.49 2.43 -4.99
N GLN B 134 -24.80 2.27 -4.83
CA GLN B 134 -25.67 2.06 -5.98
C GLN B 134 -26.23 3.35 -6.56
N THR B 135 -26.33 4.40 -5.75
CA THR B 135 -27.00 5.64 -6.16
C THR B 135 -26.10 6.82 -6.56
N LEU B 136 -24.93 6.95 -5.91
CA LEU B 136 -23.98 8.03 -6.18
C LEU B 136 -23.45 7.97 -7.60
N THR B 137 -22.94 9.09 -8.10
CA THR B 137 -22.28 9.10 -9.40
C THR B 137 -20.96 8.38 -9.29
N LYS B 138 -20.56 7.72 -10.38
CA LYS B 138 -19.27 7.05 -10.48
C LYS B 138 -18.15 7.87 -9.83
N GLN B 139 -18.14 9.17 -10.10
CA GLN B 139 -17.12 10.08 -9.61
C GLN B 139 -17.31 10.43 -8.13
N ALA B 140 -18.57 10.54 -7.69
CA ALA B 140 -18.84 10.74 -6.26
C ALA B 140 -18.36 9.53 -5.47
N TRP B 141 -18.71 8.34 -5.97
CA TRP B 141 -18.31 7.08 -5.39
C TRP B 141 -16.80 6.88 -5.33
N ALA B 142 -16.14 7.05 -6.49
CA ALA B 142 -14.69 6.90 -6.58
C ALA B 142 -14.01 7.81 -5.58
N TYR B 143 -14.44 9.06 -5.53
CA TYR B 143 -13.81 10.05 -4.63
C TYR B 143 -14.03 9.74 -3.13
N TYR B 144 -15.19 9.19 -2.77
CA TYR B 144 -15.46 8.89 -1.35
C TYR B 144 -14.86 7.56 -0.93
N SER B 145 -15.09 6.52 -1.74
CA SER B 145 -14.73 5.15 -1.38
C SER B 145 -13.25 4.82 -1.54
N SER B 146 -12.53 5.69 -2.26
CA SER B 146 -11.13 5.52 -2.63
C SER B 146 -10.16 5.44 -1.48
N GLY B 147 -9.08 4.68 -1.70
CA GLY B 147 -7.90 4.73 -0.86
C GLY B 147 -6.67 4.85 -1.73
N ALA B 148 -5.50 4.79 -1.11
CA ALA B 148 -4.23 4.95 -1.80
C ALA B 148 -3.73 3.63 -2.38
N ASN B 149 -3.20 3.71 -3.61
CA ASN B 149 -2.61 2.60 -4.33
C ASN B 149 -3.44 1.31 -4.20
N ASP B 150 -2.92 0.30 -3.48
CA ASP B 150 -3.58 -0.99 -3.34
C ASP B 150 -4.68 -1.07 -2.27
N GLU B 151 -4.83 0.02 -1.51
CA GLU B 151 -5.90 0.17 -0.51
C GLU B 151 -5.76 -0.82 0.64
N VAL B 152 -4.54 -1.21 0.99
CA VAL B 152 -4.39 -2.16 2.08
C VAL B 152 -4.57 -1.49 3.43
N THR B 153 -4.00 -0.30 3.59
CA THR B 153 -4.13 0.48 4.82
C THR B 153 -5.59 0.84 5.06
N HIS B 154 -6.28 1.25 4.00
CA HIS B 154 -7.70 1.52 4.09
C HIS B 154 -8.42 0.38 4.80
N ARG B 155 -8.18 -0.84 4.35
CA ARG B 155 -8.94 -1.98 4.85
C ARG B 155 -8.38 -2.46 6.19
N GLU B 156 -7.06 -2.41 6.34
CA GLU B 156 -6.37 -2.80 7.56
C GLU B 156 -6.79 -1.92 8.76
N ASN B 157 -7.16 -0.66 8.48
CA ASN B 157 -7.63 0.27 9.50
C ASN B 157 -8.77 -0.36 10.28
N HIS B 158 -9.66 -1.02 9.53
CA HIS B 158 -10.82 -1.69 10.06
C HIS B 158 -10.50 -3.09 10.59
N ASN B 159 -9.87 -3.90 9.76
CA ASN B 159 -9.64 -5.29 10.13
C ASN B 159 -8.84 -5.41 11.42
N ALA B 160 -8.00 -4.43 11.73
CA ALA B 160 -7.14 -4.52 12.91
C ALA B 160 -7.94 -4.49 14.22
N TYR B 161 -9.12 -3.88 14.20
CA TYR B 161 -10.02 -3.90 15.34
C TYR B 161 -10.39 -5.34 15.66
N HIS B 162 -10.43 -6.18 14.64
CA HIS B 162 -10.73 -7.60 14.82
C HIS B 162 -9.57 -8.44 15.38
N ARG B 163 -8.42 -7.84 15.62
CA ARG B 163 -7.35 -8.52 16.34
C ARG B 163 -7.55 -8.35 17.85
N ILE B 164 -8.52 -7.53 18.22
CA ILE B 164 -8.85 -7.27 19.63
C ILE B 164 -10.18 -7.92 20.03
N PHE B 165 -10.14 -8.68 21.13
CA PHE B 165 -11.33 -9.29 21.71
C PHE B 165 -11.60 -8.74 23.12
N PHE B 166 -12.79 -9.03 23.62
CA PHE B 166 -13.26 -8.47 24.87
C PHE B 166 -13.18 -9.47 26.00
N LYS B 167 -12.89 -8.97 27.19
CA LYS B 167 -13.00 -9.74 28.42
C LYS B 167 -14.10 -9.06 29.26
N PRO B 168 -15.36 -9.34 28.97
CA PRO B 168 -16.45 -8.60 29.61
C PRO B 168 -16.71 -9.03 31.05
N LYS B 169 -17.09 -8.07 31.90
CA LYS B 169 -17.54 -8.34 33.27
C LYS B 169 -19.03 -8.68 33.29
N ILE B 170 -19.40 -9.73 34.02
CA ILE B 170 -20.82 -10.03 34.22
C ILE B 170 -21.27 -9.75 35.68
N LEU B 171 -22.58 -9.70 35.91
CA LEU B 171 -23.15 -9.51 37.25
C LEU B 171 -22.80 -8.13 37.79
N VAL B 172 -22.88 -7.15 36.90
CA VAL B 172 -22.65 -5.76 37.23
C VAL B 172 -23.97 -5.07 36.90
N ASP B 173 -24.41 -4.20 37.80
CA ASP B 173 -25.60 -3.42 37.53
C ASP B 173 -25.36 -2.48 36.35
N VAL B 174 -25.99 -2.79 35.21
CA VAL B 174 -25.80 -2.00 33.98
C VAL B 174 -27.11 -1.40 33.47
N ARG B 175 -28.08 -1.26 34.38
CA ARG B 175 -29.34 -0.62 34.02
C ARG B 175 -29.09 0.78 33.44
N LYS B 176 -28.18 1.53 34.05
CA LYS B 176 -27.91 2.90 33.64
C LYS B 176 -26.52 2.98 33.08
N VAL B 177 -26.41 3.61 31.94
CA VAL B 177 -25.13 3.74 31.27
C VAL B 177 -24.98 5.17 30.74
N ASP B 178 -23.78 5.71 30.92
CA ASP B 178 -23.48 7.03 30.40
C ASP B 178 -22.28 6.98 29.46
N ILE B 179 -22.50 7.45 28.24
CA ILE B 179 -21.49 7.46 27.20
C ILE B 179 -20.93 8.87 26.89
N SER B 180 -21.26 9.83 27.73
CA SER B 180 -20.79 11.21 27.58
C SER B 180 -19.34 11.31 28.04
N THR B 181 -18.63 12.32 27.58
CA THR B 181 -17.19 12.46 27.86
C THR B 181 -16.75 13.90 27.55
N ASP B 182 -15.51 14.25 27.89
CA ASP B 182 -14.94 15.53 27.46
C ASP B 182 -13.97 15.36 26.29
N MET B 183 -14.01 16.30 25.37
CA MET B 183 -13.07 16.38 24.25
C MET B 183 -12.65 17.81 24.01
N LEU B 184 -11.35 18.08 24.17
CA LEU B 184 -10.76 19.40 23.90
C LEU B 184 -11.37 20.49 24.78
N GLY B 185 -11.49 20.17 26.07
CA GLY B 185 -12.00 21.08 27.07
C GLY B 185 -13.51 21.25 27.15
N SER B 186 -14.25 20.79 26.14
CA SER B 186 -15.70 20.92 26.13
C SER B 186 -16.43 19.56 26.34
N HIS B 187 -17.57 19.58 27.02
CA HIS B 187 -18.33 18.36 27.30
C HIS B 187 -19.11 17.87 26.08
N VAL B 188 -19.14 16.55 25.87
CA VAL B 188 -19.70 15.93 24.65
C VAL B 188 -20.66 14.77 24.97
N ASP B 189 -21.73 14.63 24.17
CA ASP B 189 -22.74 13.60 24.39
C ASP B 189 -22.26 12.18 24.12
N VAL B 190 -21.46 12.02 23.06
CA VAL B 190 -20.93 10.74 22.62
C VAL B 190 -19.39 10.74 22.62
N PRO B 191 -18.75 9.57 22.57
CA PRO B 191 -17.28 9.51 22.51
C PRO B 191 -16.74 9.41 21.07
N PHE B 192 -17.57 9.80 20.10
CA PHE B 192 -17.15 9.84 18.70
C PHE B 192 -17.48 11.19 18.04
N TYR B 193 -17.01 11.38 16.80
CA TYR B 193 -17.21 12.64 16.08
C TYR B 193 -17.17 12.43 14.58
N VAL B 194 -17.65 13.41 13.82
CA VAL B 194 -17.57 13.39 12.37
C VAL B 194 -16.21 13.97 11.97
N SER B 195 -15.44 13.19 11.22
CA SER B 195 -14.14 13.68 10.74
C SER B 195 -14.29 14.43 9.43
N ALA B 196 -13.31 15.30 9.15
CA ALA B 196 -13.30 16.15 7.96
C ALA B 196 -13.18 15.34 6.68
N THR B 197 -13.86 15.78 5.64
CA THR B 197 -14.16 14.88 4.54
C THR B 197 -14.69 15.63 3.33
N GLY B 198 -13.79 16.19 2.53
CA GLY B 198 -14.15 17.06 1.41
C GLY B 198 -15.35 16.75 0.51
N LEU B 199 -15.89 17.81 -0.10
CA LEU B 199 -16.82 17.76 -1.24
C LEU B 199 -18.14 16.98 -1.06
N CYS B 200 -18.88 17.29 0.01
CA CYS B 200 -20.16 16.65 0.29
C CYS B 200 -21.26 16.92 -0.74
N LYS B 201 -21.06 17.95 -1.58
CA LYS B 201 -22.06 18.33 -2.58
C LYS B 201 -22.13 17.35 -3.77
N LEU B 202 -21.11 16.51 -3.92
CA LEU B 202 -21.12 15.45 -4.94
C LEU B 202 -22.21 14.44 -4.61
N GLY B 203 -22.35 14.13 -3.32
CA GLY B 203 -23.36 13.20 -2.84
C GLY B 203 -24.68 13.83 -2.41
N ASN B 204 -24.60 14.97 -1.72
CA ASN B 204 -25.78 15.76 -1.36
C ASN B 204 -25.72 17.16 -2.00
N PRO B 205 -26.17 17.26 -3.25
CA PRO B 205 -26.02 18.50 -4.04
C PRO B 205 -26.69 19.77 -3.46
N LEU B 206 -27.96 19.71 -3.06
CA LEU B 206 -28.66 20.91 -2.56
C LEU B 206 -28.09 21.46 -1.23
N GLU B 207 -27.65 20.59 -0.34
CA GLU B 207 -27.27 21.01 1.02
C GLU B 207 -25.79 20.84 1.42
N GLY B 208 -25.14 19.78 0.91
CA GLY B 208 -23.73 19.52 1.21
C GLY B 208 -23.46 19.29 2.68
N GLU B 209 -22.35 19.86 3.18
CA GLU B 209 -21.93 19.70 4.57
C GLU B 209 -22.71 20.58 5.57
N LYS B 210 -23.69 21.33 5.06
CA LYS B 210 -24.68 22.02 5.87
C LYS B 210 -25.61 20.97 6.53
N ASP B 211 -25.95 19.95 5.75
CA ASP B 211 -26.75 18.82 6.24
C ASP B 211 -26.02 17.96 7.28
N VAL B 212 -24.70 17.97 7.25
CA VAL B 212 -23.94 17.29 8.31
C VAL B 212 -24.14 18.04 9.62
N ALA B 213 -24.02 19.37 9.56
CA ALA B 213 -24.23 20.23 10.73
C ALA B 213 -25.61 19.99 11.33
N ARG B 214 -26.61 19.95 10.44
CA ARG B 214 -28.00 19.73 10.82
C ARG B 214 -28.18 18.40 11.54
N GLY B 215 -27.79 17.30 10.88
CA GLY B 215 -27.82 15.98 11.46
C GLY B 215 -27.08 15.85 12.78
N CYS B 216 -25.99 16.60 12.93
CA CYS B 216 -25.16 16.56 14.13
C CYS B 216 -25.78 17.22 15.35
N GLY B 217 -26.88 17.95 15.14
CA GLY B 217 -27.52 18.68 16.22
C GLY B 217 -29.03 18.76 16.19
N GLN B 218 -29.67 18.14 15.20
CA GLN B 218 -31.12 18.27 15.07
C GLN B 218 -31.92 17.36 16.00
N GLY B 219 -31.22 16.50 16.75
CA GLY B 219 -31.87 15.50 17.57
C GLY B 219 -31.26 15.41 18.94
N VAL B 220 -31.75 14.45 19.73
CA VAL B 220 -31.33 14.27 21.12
C VAL B 220 -29.82 14.35 21.28
N THR B 221 -29.09 13.59 20.44
CA THR B 221 -27.65 13.48 20.60
C THR B 221 -26.89 14.47 19.71
N LYS B 222 -25.99 15.23 20.33
CA LYS B 222 -25.22 16.25 19.66
C LYS B 222 -23.75 15.85 19.54
N VAL B 223 -23.30 15.75 18.28
CA VAL B 223 -21.99 15.20 17.95
C VAL B 223 -21.10 16.26 17.30
N PRO B 224 -19.84 16.36 17.75
CA PRO B 224 -18.91 17.31 17.16
C PRO B 224 -18.67 17.09 15.66
N GLN B 225 -18.49 18.19 14.93
CA GLN B 225 -18.21 18.15 13.50
C GLN B 225 -16.86 18.80 13.20
N MET B 226 -15.99 18.07 12.50
CA MET B 226 -14.76 18.64 11.95
C MET B 226 -15.05 19.19 10.56
N ILE B 227 -14.83 20.47 10.36
CA ILE B 227 -15.07 21.08 9.05
C ILE B 227 -13.82 20.99 8.17
N SER B 228 -14.02 20.49 6.96
CA SER B 228 -12.93 20.27 6.01
C SER B 228 -12.56 21.56 5.27
N THR B 229 -11.25 21.79 5.14
CA THR B 229 -10.72 22.78 4.20
C THR B 229 -11.31 22.52 2.80
N ALA B 230 -11.48 21.24 2.48
CA ALA B 230 -11.94 20.81 1.16
C ALA B 230 -13.48 20.71 1.05
N ALA B 231 -14.17 21.41 1.94
CA ALA B 231 -15.64 21.41 1.96
C ALA B 231 -16.24 22.21 0.79
N SER B 232 -17.33 21.67 0.22
CA SER B 232 -18.06 22.35 -0.85
C SER B 232 -18.64 23.68 -0.37
N CYS B 233 -19.21 23.69 0.83
CA CYS B 233 -19.73 24.91 1.45
C CYS B 233 -18.60 25.63 2.19
N SER B 234 -18.81 26.91 2.47
CA SER B 234 -17.86 27.70 3.24
C SER B 234 -18.05 27.43 4.75
N PRO B 235 -17.01 27.63 5.55
CA PRO B 235 -17.12 27.43 7.01
C PRO B 235 -18.27 28.21 7.68
N GLU B 236 -18.54 29.42 7.20
CA GLU B 236 -19.62 30.27 7.75
C GLU B 236 -21.01 29.72 7.40
N GLU B 237 -21.16 29.26 6.15
CA GLU B 237 -22.37 28.60 5.66
C GLU B 237 -22.76 27.35 6.47
N ILE B 238 -21.75 26.64 6.97
CA ILE B 238 -21.93 25.41 7.76
C ILE B 238 -22.24 25.74 9.22
N ILE B 239 -21.39 26.59 9.82
CA ILE B 239 -21.47 26.93 11.24
C ILE B 239 -22.83 27.49 11.71
N GLU B 240 -23.58 28.06 10.78
CA GLU B 240 -24.86 28.67 11.13
C GLU B 240 -26.04 27.77 10.80
N ALA B 241 -25.84 26.80 9.89
CA ALA B 241 -26.86 25.81 9.54
C ALA B 241 -27.10 24.84 10.70
N ALA B 242 -26.15 24.84 11.64
CA ALA B 242 -26.25 24.10 12.91
C ALA B 242 -27.45 24.56 13.74
N PRO B 243 -28.42 23.65 13.95
CA PRO B 243 -29.69 24.02 14.62
C PRO B 243 -29.56 24.23 16.14
N SER B 244 -28.40 23.94 16.70
CA SER B 244 -28.17 24.04 18.14
C SER B 244 -26.88 24.78 18.44
N ASP B 245 -26.91 25.60 19.48
CA ASP B 245 -25.72 26.33 19.90
C ASP B 245 -24.96 25.53 20.95
N LYS B 246 -25.56 24.43 21.41
CA LYS B 246 -24.85 23.51 22.29
C LYS B 246 -23.82 22.70 21.48
N GLN B 247 -24.15 22.40 20.21
CA GLN B 247 -23.28 21.59 19.36
C GLN B 247 -21.92 22.24 19.07
N ILE B 248 -20.90 21.41 19.02
CA ILE B 248 -19.52 21.88 18.91
C ILE B 248 -18.96 21.60 17.50
N GLN B 249 -18.12 22.53 17.03
CA GLN B 249 -17.52 22.43 15.71
C GLN B 249 -16.04 22.69 15.77
N TRP B 250 -15.30 21.87 15.03
CA TRP B 250 -13.87 21.99 14.95
C TRP B 250 -13.52 22.36 13.53
N TYR B 251 -12.31 22.90 13.34
CA TYR B 251 -11.84 23.21 12.00
C TYR B 251 -10.61 22.42 11.61
N GLN B 252 -10.65 21.81 10.43
CA GLN B 252 -9.41 21.23 9.88
C GLN B 252 -8.74 22.09 8.83
N LEU B 253 -7.44 22.20 9.01
CA LEU B 253 -6.60 23.17 8.36
C LEU B 253 -5.46 22.50 7.63
N TYR B 254 -5.32 22.80 6.35
CA TYR B 254 -4.05 22.61 5.67
C TYR B 254 -3.36 23.97 5.68
N VAL B 255 -2.15 24.05 6.24
CA VAL B 255 -1.42 25.30 6.14
C VAL B 255 -0.89 25.50 4.72
N ASN B 256 -1.13 26.71 4.20
CA ASN B 256 -0.74 27.13 2.85
C ASN B 256 0.75 27.45 2.77
N SER B 257 1.31 27.35 1.57
CA SER B 257 2.70 27.80 1.30
C SER B 257 2.78 29.31 1.47
N ASP B 258 1.72 30.00 1.05
CA ASP B 258 1.48 31.40 1.35
C ASP B 258 0.88 31.51 2.76
N ARG B 259 1.74 31.72 3.76
CA ARG B 259 1.34 31.75 5.17
C ARG B 259 0.42 32.90 5.56
N LYS B 260 0.25 33.88 4.68
CA LYS B 260 -0.71 34.96 4.88
C LYS B 260 -2.13 34.37 4.87
N ILE B 261 -2.41 33.49 3.92
CA ILE B 261 -3.74 32.87 3.77
C ILE B 261 -4.16 32.05 4.98
N THR B 262 -3.19 31.35 5.58
CA THR B 262 -3.40 30.55 6.78
C THR B 262 -3.67 31.41 8.00
N ASP B 263 -2.96 32.53 8.10
CA ASP B 263 -3.15 33.46 9.21
C ASP B 263 -4.53 34.11 9.16
N ASP B 264 -4.99 34.41 7.95
CA ASP B 264 -6.35 34.92 7.75
C ASP B 264 -7.35 33.86 8.16
N LEU B 265 -7.27 32.69 7.52
CA LEU B 265 -8.19 31.58 7.78
C LEU B 265 -8.31 31.17 9.26
N VAL B 266 -7.18 31.15 9.97
CA VAL B 266 -7.20 30.87 11.41
C VAL B 266 -8.00 31.92 12.19
N LYS B 267 -7.57 33.18 12.09
CA LYS B 267 -8.31 34.29 12.70
C LYS B 267 -9.80 34.26 12.33
N ASN B 268 -10.10 33.94 11.07
CA ASN B 268 -11.47 33.90 10.56
C ASN B 268 -12.35 32.76 11.13
N VAL B 269 -11.74 31.64 11.50
CA VAL B 269 -12.49 30.52 12.08
C VAL B 269 -12.63 30.66 13.60
N GLU B 270 -11.59 31.23 14.23
CA GLU B 270 -11.64 31.66 15.63
C GLU B 270 -12.87 32.52 15.87
N LYS B 271 -13.05 33.48 14.97
CA LYS B 271 -14.17 34.41 14.96
C LYS B 271 -15.51 33.67 14.93
N LEU B 272 -15.65 32.76 13.96
CA LEU B 272 -16.91 32.04 13.71
C LEU B 272 -17.32 31.03 14.81
N GLY B 273 -16.40 30.76 15.73
CA GLY B 273 -16.73 30.03 16.94
C GLY B 273 -16.26 28.59 17.04
N VAL B 274 -15.43 28.13 16.09
CA VAL B 274 -14.85 26.79 16.18
C VAL B 274 -14.07 26.63 17.48
N LYS B 275 -14.29 25.52 18.16
CA LYS B 275 -13.76 25.34 19.49
C LYS B 275 -12.35 24.71 19.48
N ALA B 276 -11.87 24.35 18.28
CA ALA B 276 -10.51 23.82 18.09
C ALA B 276 -10.00 23.80 16.64
N LEU B 277 -8.69 23.58 16.49
CA LEU B 277 -8.02 23.57 15.19
C LEU B 277 -7.26 22.26 14.91
N PHE B 278 -7.71 21.52 13.91
CA PHE B 278 -7.05 20.28 13.50
C PHE B 278 -6.12 20.50 12.31
N VAL B 279 -4.82 20.35 12.55
CA VAL B 279 -3.81 20.58 11.53
C VAL B 279 -3.41 19.27 10.86
N THR B 280 -3.76 19.12 9.59
CA THR B 280 -3.47 17.88 8.85
C THR B 280 -2.04 17.86 8.34
N VAL B 281 -1.31 16.82 8.73
CA VAL B 281 0.12 16.71 8.49
C VAL B 281 0.53 15.47 7.67
N ASP B 282 -0.46 14.67 7.27
CA ASP B 282 -0.19 13.40 6.60
C ASP B 282 -0.37 13.48 5.08
N ALA B 283 -0.53 14.70 4.58
CA ALA B 283 -0.76 14.90 3.15
C ALA B 283 0.10 16.01 2.52
N PRO B 284 1.39 16.05 2.82
CA PRO B 284 2.29 17.03 2.18
C PRO B 284 2.21 16.91 0.65
N SER B 285 1.99 15.69 0.19
CA SER B 285 1.70 15.40 -1.19
C SER B 285 0.44 14.53 -1.17
N LEU B 286 -0.49 14.78 -2.08
CA LEU B 286 -1.75 14.06 -2.05
C LEU B 286 -1.60 12.61 -2.55
N GLY B 287 -2.15 11.67 -1.80
CA GLY B 287 -2.04 10.25 -2.12
C GLY B 287 -2.72 9.88 -3.43
N GLN B 288 -2.19 8.86 -4.08
CA GLN B 288 -2.69 8.44 -5.39
C GLN B 288 -3.86 7.49 -5.24
N ARG B 289 -5.06 7.97 -5.59
CA ARG B 289 -6.28 7.18 -5.47
C ARG B 289 -6.73 6.69 -6.83
N GLU B 290 -6.43 5.43 -7.11
CA GLU B 290 -6.45 4.92 -8.48
C GLU B 290 -7.83 4.73 -9.11
N LYS B 291 -8.86 4.54 -8.28
CA LYS B 291 -10.24 4.42 -8.75
C LYS B 291 -10.72 5.71 -9.41
N ASP B 292 -10.34 6.84 -8.79
CA ASP B 292 -10.66 8.17 -9.30
C ASP B 292 -9.95 8.38 -10.64
N MET B 293 -8.69 7.98 -10.71
CA MET B 293 -7.84 8.20 -11.89
C MET B 293 -8.31 7.39 -13.09
N LYS B 294 -8.66 6.13 -12.85
CA LYS B 294 -9.12 5.24 -13.90
C LYS B 294 -10.41 5.79 -14.54
N LEU B 295 -11.25 6.43 -13.73
CA LEU B 295 -12.46 7.09 -14.22
C LEU B 295 -12.17 8.36 -15.05
N LYS B 296 -11.25 9.21 -14.57
CA LYS B 296 -10.80 10.39 -15.32
C LYS B 296 -10.35 10.10 -16.76
N PHE B 297 -9.64 8.99 -16.97
CA PHE B 297 -9.23 8.58 -18.32
C PHE B 297 -10.46 8.05 -19.07
N ALA B 321 2.05 16.17 -7.87
CA ALA B 321 1.40 15.71 -6.65
C ALA B 321 1.59 16.69 -5.48
N LEU B 322 2.37 17.75 -5.74
CA LEU B 322 2.47 18.87 -4.80
C LEU B 322 1.40 19.93 -5.10
N SER B 323 0.71 20.37 -4.05
CA SER B 323 -0.35 21.36 -4.13
C SER B 323 0.11 22.71 -3.55
N LYS B 324 -0.45 23.80 -4.07
CA LYS B 324 -0.24 25.11 -3.47
C LYS B 324 -1.06 25.22 -2.18
N PHE B 325 -2.25 24.60 -2.20
CA PHE B 325 -3.11 24.45 -1.03
C PHE B 325 -2.34 23.95 0.20
N ILE B 326 -1.46 22.97 0.00
CA ILE B 326 -0.82 22.27 1.11
C ILE B 326 0.69 22.39 1.06
N ASP B 327 1.27 22.98 2.09
CA ASP B 327 2.70 23.22 2.12
C ASP B 327 3.48 21.99 2.60
N PRO B 328 4.26 21.40 1.68
CA PRO B 328 5.10 20.22 1.98
C PRO B 328 6.29 20.51 2.88
N SER B 329 6.45 21.75 3.29
CA SER B 329 7.62 22.12 4.07
C SER B 329 7.30 22.28 5.55
N LEU B 330 6.03 22.09 5.90
CA LEU B 330 5.53 22.15 7.27
C LEU B 330 6.41 21.42 8.26
N THR B 331 6.87 22.13 9.28
CA THR B 331 7.76 21.55 10.29
C THR B 331 7.13 21.65 11.68
N TRP B 332 7.75 20.97 12.63
CA TRP B 332 7.44 21.14 14.04
C TRP B 332 7.48 22.61 14.45
N LYS B 333 8.57 23.30 14.12
CA LYS B 333 8.73 24.73 14.40
C LYS B 333 7.52 25.57 13.96
N ASP B 334 6.93 25.21 12.82
CA ASP B 334 5.74 25.91 12.32
C ASP B 334 4.52 25.69 13.20
N ILE B 335 4.48 24.55 13.89
CA ILE B 335 3.38 24.24 14.79
C ILE B 335 3.60 25.03 16.08
N GLU B 336 4.84 25.03 16.56
CA GLU B 336 5.26 25.92 17.64
C GLU B 336 4.85 27.37 17.35
N GLU B 337 5.05 27.81 16.11
CA GLU B 337 4.62 29.13 15.67
C GLU B 337 3.12 29.31 15.83
N LEU B 338 2.33 28.38 15.28
CA LEU B 338 0.87 28.46 15.33
C LEU B 338 0.31 28.43 16.76
N LYS B 339 1.04 27.85 17.70
CA LYS B 339 0.63 27.83 19.11
C LYS B 339 0.50 29.25 19.71
N LYS B 340 1.44 30.11 19.33
CA LYS B 340 1.50 31.47 19.84
C LYS B 340 0.46 32.37 19.18
N LYS B 341 0.20 32.12 17.89
CA LYS B 341 -0.66 32.98 17.07
C LYS B 341 -2.15 32.63 17.19
N THR B 342 -2.46 31.68 18.06
CA THR B 342 -3.85 31.31 18.31
C THR B 342 -4.05 30.70 19.69
N LYS B 343 -5.27 30.90 20.20
CA LYS B 343 -5.66 30.47 21.53
C LYS B 343 -6.58 29.24 21.44
N LEU B 344 -7.11 29.01 20.25
CA LEU B 344 -7.73 27.72 19.91
C LEU B 344 -6.74 26.59 20.18
N PRO B 345 -7.19 25.48 20.77
CA PRO B 345 -6.31 24.33 20.99
C PRO B 345 -5.97 23.65 19.66
N ILE B 346 -4.72 23.21 19.54
CA ILE B 346 -4.24 22.60 18.30
C ILE B 346 -4.11 21.11 18.48
N VAL B 347 -4.73 20.39 17.54
CA VAL B 347 -4.51 18.95 17.41
C VAL B 347 -3.76 18.66 16.11
N ILE B 348 -2.67 17.91 16.23
CA ILE B 348 -1.93 17.46 15.07
C ILE B 348 -2.59 16.19 14.51
N LYS B 349 -3.32 16.34 13.41
CA LYS B 349 -4.04 15.25 12.77
C LYS B 349 -3.24 14.51 11.68
N GLY B 350 -2.82 13.29 11.96
CA GLY B 350 -2.19 12.46 10.94
C GLY B 350 -0.90 11.83 11.41
N VAL B 351 -0.80 11.60 12.71
CA VAL B 351 0.37 10.95 13.31
C VAL B 351 0.24 9.43 13.15
N GLN B 352 1.37 8.78 12.90
CA GLN B 352 1.40 7.39 12.47
C GLN B 352 2.51 6.63 13.15
N ARG B 353 3.23 7.28 14.06
CA ARG B 353 4.20 6.57 14.91
C ARG B 353 4.20 7.16 16.32
N THR B 354 4.60 6.36 17.29
CA THR B 354 4.64 6.79 18.69
C THR B 354 5.61 7.96 18.91
N GLU B 355 6.71 7.96 18.16
CA GLU B 355 7.79 8.93 18.36
C GLU B 355 7.27 10.32 18.12
N ASP B 356 6.32 10.47 17.21
CA ASP B 356 5.78 11.78 16.87
C ASP B 356 4.66 12.18 17.80
N VAL B 357 4.05 11.21 18.47
CA VAL B 357 3.05 11.51 19.49
C VAL B 357 3.80 12.19 20.63
N ILE B 358 4.86 11.53 21.08
CA ILE B 358 5.80 12.10 22.03
C ILE B 358 6.25 13.51 21.60
N LYS B 359 6.60 13.69 20.32
CA LYS B 359 7.06 14.99 19.85
C LYS B 359 6.00 16.07 20.04
N ALA B 360 4.74 15.71 19.78
CA ALA B 360 3.60 16.64 19.93
C ALA B 360 3.42 17.06 21.39
N ALA B 361 3.68 16.14 22.32
CA ALA B 361 3.59 16.43 23.74
C ALA B 361 4.69 17.42 24.12
N GLU B 362 5.90 17.14 23.65
CA GLU B 362 7.05 17.96 23.99
C GLU B 362 6.88 19.43 23.58
N ILE B 363 6.38 19.66 22.37
CA ILE B 363 6.09 21.04 21.94
C ILE B 363 4.73 21.49 22.47
N GLY B 364 4.13 20.66 23.31
CA GLY B 364 2.95 20.99 24.09
C GLY B 364 1.63 21.32 23.42
N VAL B 365 1.29 20.69 22.28
CA VAL B 365 -0.07 20.84 21.70
C VAL B 365 -1.14 20.13 22.53
N SER B 366 -2.40 20.33 22.17
CA SER B 366 -3.50 19.76 22.96
C SER B 366 -3.72 18.28 22.65
N GLY B 367 -3.73 17.93 21.37
CA GLY B 367 -3.99 16.58 20.98
C GLY B 367 -3.32 16.16 19.70
N VAL B 368 -3.84 15.08 19.14
CA VAL B 368 -3.21 14.32 18.09
C VAL B 368 -4.26 13.33 17.63
N VAL B 369 -4.50 13.27 16.33
CA VAL B 369 -5.28 12.18 15.79
C VAL B 369 -4.28 11.16 15.23
N LEU B 370 -4.30 9.96 15.81
CA LEU B 370 -3.67 8.81 15.19
C LEU B 370 -4.47 8.48 13.94
N SER B 371 -3.90 8.79 12.79
CA SER B 371 -4.62 8.74 11.53
C SER B 371 -3.69 8.58 10.34
N ASN B 372 -4.18 7.95 9.29
CA ASN B 372 -3.46 7.85 8.04
C ASN B 372 -4.40 8.26 6.91
N HIS B 373 -5.25 9.22 7.23
CA HIS B 373 -6.16 9.85 6.26
C HIS B 373 -7.11 8.84 5.63
N GLY B 374 -7.61 7.89 6.42
CA GLY B 374 -8.52 6.87 5.91
C GLY B 374 -7.89 6.01 4.82
N GLY B 375 -6.60 5.73 4.96
CA GLY B 375 -5.86 4.96 3.98
C GLY B 375 -5.75 5.64 2.63
N ARG B 376 -5.88 6.97 2.63
CA ARG B 376 -5.87 7.76 1.39
C ARG B 376 -4.50 8.37 1.08
N GLN B 377 -3.51 8.10 1.93
CA GLN B 377 -2.22 8.71 1.74
C GLN B 377 -1.12 7.67 1.58
N LEU B 378 -0.44 7.30 2.67
CA LEU B 378 0.60 6.29 2.58
C LEU B 378 0.03 4.89 2.78
N ASP B 379 0.10 4.07 1.74
CA ASP B 379 -0.24 2.66 1.89
C ASP B 379 0.84 1.93 2.69
N PHE B 380 0.39 0.97 3.51
CA PHE B 380 1.24 0.29 4.48
C PHE B 380 1.65 1.16 5.63
N SER B 381 0.84 2.19 5.86
CA SER B 381 0.81 2.83 7.17
C SER B 381 0.03 1.87 8.07
N ARG B 382 0.40 1.77 9.34
CA ARG B 382 -0.29 0.85 10.24
C ARG B 382 -1.67 1.34 10.62
N ALA B 383 -2.54 0.40 11.00
CA ALA B 383 -3.83 0.76 11.58
C ALA B 383 -3.60 1.61 12.83
N PRO B 384 -4.27 2.76 12.90
CA PRO B 384 -4.21 3.65 14.07
C PRO B 384 -4.53 2.94 15.37
N ILE B 385 -5.45 1.97 15.37
CA ILE B 385 -5.76 1.23 16.59
C ILE B 385 -4.53 0.52 17.15
N GLU B 386 -3.68 0.06 16.25
CA GLU B 386 -2.46 -0.67 16.61
C GLU B 386 -1.39 0.33 17.08
N VAL B 387 -1.36 1.52 16.49
CA VAL B 387 -0.47 2.57 16.95
C VAL B 387 -0.93 3.03 18.33
N LEU B 388 -2.23 3.27 18.48
CA LEU B 388 -2.84 3.55 19.79
C LEU B 388 -2.37 2.61 20.88
N ALA B 389 -2.40 1.30 20.61
CA ALA B 389 -2.09 0.30 21.64
C ALA B 389 -0.63 0.35 22.04
N GLU B 390 0.19 0.84 21.12
CA GLU B 390 1.62 0.94 21.34
C GLU B 390 1.96 2.23 22.08
N THR B 391 1.26 3.32 21.76
CA THR B 391 1.67 4.62 22.31
C THR B 391 1.14 4.96 23.69
N MET B 392 -0.07 4.51 24.03
CA MET B 392 -0.65 4.82 25.34
C MET B 392 0.21 4.32 26.52
N PRO B 393 0.56 3.03 26.57
CA PRO B 393 1.51 2.58 27.59
C PRO B 393 2.79 3.41 27.64
N ILE B 394 3.26 3.94 26.52
CA ILE B 394 4.47 4.78 26.50
C ILE B 394 4.18 6.17 27.12
N LEU B 395 3.11 6.82 26.67
CA LEU B 395 2.65 8.04 27.34
C LEU B 395 2.56 7.89 28.87
N GLU B 396 2.02 6.75 29.34
CA GLU B 396 1.92 6.42 30.77
C GLU B 396 3.29 6.40 31.45
N GLN B 397 4.23 5.65 30.88
CA GLN B 397 5.62 5.57 31.35
C GLN B 397 6.35 6.91 31.32
N ARG B 398 5.61 8.01 31.18
CA ARG B 398 6.18 9.34 30.98
C ARG B 398 5.31 10.45 31.56
N ASN B 399 4.18 10.04 32.18
CA ASN B 399 3.20 10.96 32.79
C ASN B 399 2.53 11.89 31.78
N LEU B 400 2.65 11.55 30.50
CA LEU B 400 2.18 12.40 29.41
C LEU B 400 0.72 12.16 29.03
N LYS B 401 0.12 11.08 29.56
CA LYS B 401 -1.24 10.66 29.18
C LYS B 401 -2.33 11.71 29.46
N ASP B 402 -2.04 12.64 30.35
CA ASP B 402 -2.97 13.72 30.63
C ASP B 402 -2.66 14.96 29.78
N LYS B 403 -1.37 15.17 29.51
CA LYS B 403 -0.90 16.35 28.80
C LYS B 403 -1.46 16.44 27.38
N LEU B 404 -1.66 15.27 26.78
CA LEU B 404 -2.04 15.13 25.38
C LEU B 404 -3.32 14.34 25.23
N GLU B 405 -4.26 14.86 24.46
CA GLU B 405 -5.46 14.10 24.13
C GLU B 405 -5.22 13.37 22.82
N VAL B 406 -5.46 12.06 22.81
CA VAL B 406 -5.14 11.24 21.66
C VAL B 406 -6.41 10.69 21.01
N PHE B 407 -6.71 11.19 19.82
CA PHE B 407 -7.85 10.75 19.05
C PHE B 407 -7.42 9.70 18.02
N VAL B 408 -8.40 9.07 17.39
CA VAL B 408 -8.15 7.98 16.48
C VAL B 408 -9.26 7.95 15.45
N ASP B 409 -8.88 7.78 14.18
CA ASP B 409 -9.88 7.54 13.14
C ASP B 409 -9.40 6.46 12.16
N GLY B 410 -10.31 6.06 11.29
CA GLY B 410 -10.01 5.06 10.28
C GLY B 410 -10.65 3.70 10.51
N GLY B 411 -11.58 3.35 9.64
CA GLY B 411 -12.10 2.00 9.61
C GLY B 411 -13.13 1.71 10.67
N VAL B 412 -13.55 2.74 11.38
CA VAL B 412 -14.52 2.59 12.46
C VAL B 412 -15.96 2.49 11.88
N ARG B 413 -16.60 1.34 12.12
CA ARG B 413 -17.93 1.08 11.61
C ARG B 413 -18.91 0.50 12.67
N ARG B 414 -18.42 0.16 13.86
CA ARG B 414 -19.25 -0.47 14.89
C ARG B 414 -18.99 0.08 16.28
N GLY B 415 -20.03 0.06 17.12
CA GLY B 415 -19.89 0.49 18.50
C GLY B 415 -18.73 -0.18 19.20
N THR B 416 -18.47 -1.45 18.89
CA THR B 416 -17.37 -2.17 19.53
C THR B 416 -16.00 -1.69 19.03
N ASP B 417 -15.94 -1.15 17.82
CA ASP B 417 -14.70 -0.52 17.33
C ASP B 417 -14.40 0.66 18.24
N VAL B 418 -15.40 1.51 18.43
CA VAL B 418 -15.28 2.70 19.24
C VAL B 418 -14.86 2.32 20.65
N LEU B 419 -15.51 1.31 21.21
CA LEU B 419 -15.20 0.84 22.56
C LEU B 419 -13.78 0.34 22.70
N LYS B 420 -13.28 -0.35 21.67
CA LYS B 420 -11.91 -0.89 21.71
C LYS B 420 -10.96 0.28 21.83
N ALA B 421 -11.17 1.28 20.98
CA ALA B 421 -10.38 2.49 20.97
C ALA B 421 -10.39 3.18 22.35
N LEU B 422 -11.58 3.43 22.90
CA LEU B 422 -11.72 4.06 24.22
C LEU B 422 -11.06 3.24 25.34
N CYS B 423 -11.17 1.91 25.28
CA CYS B 423 -10.52 1.07 26.28
C CYS B 423 -9.01 1.22 26.24
N LEU B 424 -8.48 1.60 25.07
CA LEU B 424 -7.04 1.67 24.91
C LEU B 424 -6.47 3.02 25.37
N GLY B 425 -7.31 4.04 25.45
CA GLY B 425 -6.90 5.34 25.95
C GLY B 425 -7.31 6.50 25.07
N ALA B 426 -8.04 6.22 24.00
CA ALA B 426 -8.39 7.25 23.04
C ALA B 426 -9.38 8.17 23.71
N LYS B 427 -9.22 9.47 23.50
CA LYS B 427 -10.14 10.42 24.10
C LYS B 427 -11.41 10.49 23.30
N GLY B 428 -11.35 10.10 22.03
CA GLY B 428 -12.47 10.18 21.11
C GLY B 428 -12.10 9.53 19.79
N VAL B 429 -13.09 9.11 19.01
CA VAL B 429 -12.82 8.39 17.77
C VAL B 429 -13.59 8.95 16.59
N GLY B 430 -12.90 9.15 15.47
CA GLY B 430 -13.52 9.78 14.33
C GLY B 430 -13.99 8.81 13.25
N LEU B 431 -15.01 9.24 12.52
CA LEU B 431 -15.52 8.49 11.38
C LEU B 431 -15.69 9.44 10.18
N GLY B 432 -15.15 9.03 9.03
CA GLY B 432 -15.27 9.80 7.82
C GLY B 432 -16.36 9.25 6.96
N ARG B 433 -16.05 8.20 6.20
CA ARG B 433 -16.92 7.70 5.14
C ARG B 433 -18.36 7.36 5.54
N PRO B 434 -18.58 6.72 6.70
CA PRO B 434 -19.95 6.34 7.09
C PRO B 434 -20.92 7.53 7.08
N PHE B 435 -20.48 8.69 7.60
CA PHE B 435 -21.31 9.91 7.58
C PHE B 435 -21.52 10.49 6.19
N LEU B 436 -20.49 10.38 5.35
CA LEU B 436 -20.62 10.79 3.95
C LEU B 436 -21.69 9.98 3.24
N TYR B 437 -21.73 8.68 3.52
CA TYR B 437 -22.66 7.81 2.82
C TYR B 437 -24.08 7.99 3.31
N ALA B 438 -24.23 8.26 4.61
CA ALA B 438 -25.55 8.46 5.20
C ALA B 438 -26.11 9.77 4.67
N ASN B 439 -25.25 10.80 4.64
CA ASN B 439 -25.58 12.08 4.03
C ASN B 439 -25.92 11.99 2.54
N SER B 440 -25.15 11.22 1.79
CA SER B 440 -25.39 11.09 0.37
C SER B 440 -26.76 10.48 0.06
N CYS B 441 -27.30 9.72 1.00
CA CYS B 441 -28.52 8.94 0.76
C CYS B 441 -29.77 9.58 1.34
N TYR B 442 -29.66 10.18 2.53
CA TYR B 442 -30.82 10.68 3.27
C TYR B 442 -30.55 12.06 3.87
N GLY B 443 -29.48 12.72 3.43
CA GLY B 443 -29.13 14.04 3.92
C GLY B 443 -29.03 14.11 5.43
N ARG B 444 -29.42 15.25 6.00
CA ARG B 444 -29.31 15.51 7.44
C ARG B 444 -29.95 14.41 8.30
N ASN B 445 -31.04 13.84 7.81
CA ASN B 445 -31.75 12.78 8.50
C ASN B 445 -30.89 11.52 8.63
N GLY B 446 -30.32 11.10 7.50
CA GLY B 446 -29.35 10.03 7.46
C GLY B 446 -28.24 10.25 8.46
N VAL B 447 -27.66 11.46 8.47
CA VAL B 447 -26.61 11.79 9.42
C VAL B 447 -27.09 11.63 10.87
N GLU B 448 -28.30 12.08 11.16
CA GLU B 448 -28.84 11.92 12.51
C GLU B 448 -29.01 10.44 12.84
N LYS B 449 -29.51 9.69 11.87
CA LYS B 449 -29.80 8.27 12.03
C LYS B 449 -28.51 7.48 12.25
N ALA B 450 -27.47 7.84 11.49
CA ALA B 450 -26.13 7.27 11.63
C ALA B 450 -25.61 7.50 13.04
N ILE B 451 -25.77 8.72 13.55
CA ILE B 451 -25.43 9.04 14.92
C ILE B 451 -26.19 8.15 15.90
N GLU B 452 -27.47 7.92 15.61
CA GLU B 452 -28.29 7.10 16.50
C GLU B 452 -27.83 5.65 16.54
N ILE B 453 -27.73 5.02 15.38
CA ILE B 453 -27.19 3.67 15.20
C ILE B 453 -25.92 3.48 16.03
N LEU B 454 -24.96 4.39 15.84
CA LEU B 454 -23.68 4.29 16.51
C LEU B 454 -23.77 4.49 18.03
N ARG B 455 -24.66 5.39 18.46
CA ARG B 455 -24.89 5.67 19.88
C ARG B 455 -25.47 4.44 20.61
N ASP B 456 -26.47 3.84 20.00
CA ASP B 456 -27.10 2.64 20.53
C ASP B 456 -26.12 1.46 20.57
N GLU B 457 -25.36 1.27 19.49
CA GLU B 457 -24.36 0.20 19.43
C GLU B 457 -23.39 0.30 20.59
N ILE B 458 -23.03 1.53 20.98
CA ILE B 458 -22.08 1.76 22.08
C ILE B 458 -22.69 1.48 23.45
N GLU B 459 -23.93 1.93 23.64
CA GLU B 459 -24.62 1.72 24.91
C GLU B 459 -24.89 0.24 25.16
N MET B 460 -25.39 -0.43 24.14
CA MET B 460 -25.74 -1.85 24.23
C MET B 460 -24.49 -2.67 24.54
N SER B 461 -23.40 -2.39 23.84
CA SER B 461 -22.15 -3.12 24.05
C SER B 461 -21.43 -2.74 25.33
N MET B 462 -21.62 -1.51 25.77
CA MET B 462 -21.16 -1.10 27.09
C MET B 462 -21.76 -1.99 28.19
N ARG B 463 -23.07 -2.24 28.07
CA ARG B 463 -23.80 -3.02 29.06
C ARG B 463 -23.30 -4.46 29.11
N LEU B 464 -23.04 -5.02 27.93
CA LEU B 464 -22.58 -6.40 27.84
C LEU B 464 -21.14 -6.51 28.26
N LEU B 465 -20.39 -5.41 28.12
CA LEU B 465 -19.03 -5.33 28.59
C LEU B 465 -18.97 -5.28 30.12
N GLY B 466 -20.01 -4.72 30.72
CA GLY B 466 -20.13 -4.64 32.16
C GLY B 466 -19.54 -3.37 32.77
N VAL B 467 -19.68 -2.24 32.08
CA VAL B 467 -19.27 -0.96 32.62
C VAL B 467 -20.33 0.09 32.29
N THR B 468 -20.27 1.24 32.97
CA THR B 468 -21.40 2.18 32.92
C THR B 468 -21.05 3.62 32.59
N SER B 469 -19.76 3.94 32.55
CA SER B 469 -19.28 5.25 32.12
C SER B 469 -18.05 5.11 31.23
N ILE B 470 -17.84 6.07 30.33
CA ILE B 470 -16.63 6.12 29.51
C ILE B 470 -15.33 6.01 30.32
N ALA B 471 -15.29 6.61 31.50
CA ALA B 471 -14.07 6.58 32.31
C ALA B 471 -13.73 5.16 32.77
N GLU B 472 -14.72 4.28 32.73
CA GLU B 472 -14.54 2.90 33.19
C GLU B 472 -14.04 1.97 32.08
N LEU B 473 -14.04 2.45 30.84
CA LEU B 473 -13.43 1.71 29.72
C LEU B 473 -11.91 1.74 29.84
N LYS B 474 -11.32 0.60 30.19
CA LYS B 474 -9.91 0.48 30.52
C LYS B 474 -9.33 -0.74 29.80
N PRO B 475 -8.01 -0.82 29.65
CA PRO B 475 -7.37 -1.97 28.98
C PRO B 475 -7.69 -3.35 29.53
N ASP B 476 -8.04 -3.48 30.82
CA ASP B 476 -8.28 -4.80 31.40
C ASP B 476 -9.57 -5.44 30.86
N LEU B 477 -10.40 -4.65 30.19
CA LEU B 477 -11.61 -5.15 29.52
C LEU B 477 -11.29 -5.79 28.19
N LEU B 478 -10.03 -5.67 27.76
CA LEU B 478 -9.64 -6.13 26.43
C LEU B 478 -8.73 -7.33 26.49
N ASP B 479 -8.91 -8.24 25.54
CA ASP B 479 -7.91 -9.25 25.24
C ASP B 479 -7.00 -8.73 24.14
N LEU B 480 -5.78 -8.37 24.51
CA LEU B 480 -4.78 -7.81 23.59
C LEU B 480 -3.73 -8.84 23.20
N SER B 481 -3.91 -10.08 23.64
CA SER B 481 -2.93 -11.12 23.37
C SER B 481 -2.68 -11.46 21.88
N THR B 482 -3.57 -11.08 20.97
CA THR B 482 -3.39 -11.37 19.54
C THR B 482 -3.41 -10.14 18.64
N LEU B 483 -3.19 -8.99 19.26
CA LEU B 483 -3.07 -7.70 18.57
C LEU B 483 -2.00 -7.71 17.48
N LYS B 484 -0.94 -8.50 17.68
CA LYS B 484 0.16 -8.57 16.70
C LYS B 484 0.01 -9.69 15.67
N ALA B 485 -1.13 -10.37 15.65
CA ALA B 485 -1.35 -11.45 14.69
C ALA B 485 -1.82 -10.86 13.35
N ARG B 486 -0.97 -10.02 12.78
CA ARG B 486 -1.16 -9.44 11.46
C ARG B 486 -0.40 -10.32 10.47
N THR B 487 -1.11 -11.18 9.78
CA THR B 487 -0.48 -12.26 9.04
C THR B 487 -0.64 -12.13 7.53
N VAL B 488 0.30 -12.72 6.80
CA VAL B 488 0.14 -12.97 5.37
C VAL B 488 0.38 -14.44 5.12
N GLY B 489 -0.67 -15.14 4.67
CA GLY B 489 -0.59 -16.56 4.38
C GLY B 489 0.41 -16.87 3.28
N VAL B 490 1.02 -18.06 3.32
CA VAL B 490 1.75 -18.53 2.16
C VAL B 490 0.74 -18.77 1.01
N PRO B 491 1.14 -18.54 -0.24
CA PRO B 491 0.21 -18.65 -1.37
C PRO B 491 -0.49 -20.00 -1.35
N ASN B 492 -1.74 -20.05 -1.78
CA ASN B 492 -2.38 -21.36 -1.77
C ASN B 492 -1.98 -22.33 -2.86
N ASP B 493 -2.07 -23.61 -2.55
CA ASP B 493 -1.67 -24.64 -3.46
C ASP B 493 -2.82 -24.81 -4.44
N VAL B 494 -2.70 -24.14 -5.59
CA VAL B 494 -3.77 -24.09 -6.58
C VAL B 494 -4.21 -25.48 -7.06
N LEU B 495 -3.23 -26.29 -7.47
CA LEU B 495 -3.50 -27.64 -7.94
C LEU B 495 -4.15 -28.53 -6.87
N TYR B 496 -3.53 -28.61 -5.69
CA TYR B 496 -4.04 -29.40 -4.58
C TYR B 496 -5.48 -29.01 -4.22
N ASN B 497 -5.77 -27.71 -4.24
CA ASN B 497 -7.11 -27.23 -3.91
C ASN B 497 -8.15 -27.50 -5.00
N GLU B 498 -7.79 -27.31 -6.27
CA GLU B 498 -8.68 -27.60 -7.39
C GLU B 498 -9.16 -29.05 -7.38
N VAL B 499 -8.24 -30.01 -7.27
CA VAL B 499 -8.61 -31.43 -7.37
C VAL B 499 -9.35 -31.93 -6.14
N TYR B 500 -9.02 -31.34 -4.98
CA TYR B 500 -9.64 -31.75 -3.75
C TYR B 500 -11.14 -31.46 -3.84
N GLU B 501 -11.93 -32.40 -3.33
CA GLU B 501 -13.37 -32.25 -3.23
C GLU B 501 -13.78 -32.30 -1.79
N GLY B 502 -14.40 -31.21 -1.33
CA GLY B 502 -14.87 -31.12 0.04
C GLY B 502 -16.02 -32.06 0.36
N PRO B 503 -16.21 -32.31 1.64
CA PRO B 503 -17.44 -32.93 2.14
C PRO B 503 -18.69 -32.21 1.64
N THR B 504 -19.79 -32.94 1.66
CA THR B 504 -21.03 -32.53 1.05
C THR B 504 -22.19 -32.78 2.05
N LEU B 505 -23.25 -31.98 2.00
CA LEU B 505 -24.40 -32.19 2.91
C LEU B 505 -25.41 -33.20 2.37
N THR B 506 -26.09 -33.91 3.27
CA THR B 506 -27.14 -34.84 2.87
C THR B 506 -28.30 -34.10 2.19
N GLU B 507 -28.86 -34.72 1.14
CA GLU B 507 -29.36 -33.96 0.00
C GLU B 507 -30.82 -33.53 -0.15
N PHE B 508 -31.77 -34.28 0.41
CA PHE B 508 -33.20 -34.14 0.04
C PHE B 508 -33.53 -35.13 -1.07
N GLU B 509 -34.64 -35.83 -0.89
CA GLU B 509 -35.03 -36.94 -1.75
C GLU B 509 -35.51 -36.52 -3.14
N ASP B 510 -35.28 -37.42 -4.10
CA ASP B 510 -35.88 -37.42 -5.45
C ASP B 510 -36.51 -36.11 -5.92
N ALA B 511 -37.82 -35.98 -5.73
CA ALA B 511 -38.56 -34.81 -6.21
C ALA B 511 -39.56 -35.20 -7.30
#